data_6M09
#
_entry.id   6M09
#
_cell.length_a   59.930
_cell.length_b   79.964
_cell.length_c   80.151
_cell.angle_alpha   99.630
_cell.angle_beta   109.800
_cell.angle_gamma   104.480
#
_symmetry.space_group_name_H-M   'P 1'
#
loop_
_entity.id
_entity.type
_entity.pdbx_description
1 polymer 'AT3G03890 protein'
2 water water
#
_entity_poly.entity_id   1
_entity_poly.type   'polypeptide(L)'
_entity_poly.pdbx_seq_one_letter_code
;MGSSHHHHHHSSGLVPRGSHMASMTGGQQMGRGSDTDVFKLIQAHEEKAARLSPVEEIRTVLNGSICGMLSTFSQKYEGY
PSGSMVDFACDADGSPILAVSSLAVHTKDLLANPKCSLLIARDPEDRTGLRITLHGDAVLVSEKDQAAVRSAYLAKHPKA
FWVDFGDFSFMRIEPKVVRYVSGVATAFLGSGEFSKEEYQAAKVDPIAQYAKPVTSHMNKDHEEDTKAIVHNITSIPVES
ALMLDLDSLGFNVKATLQGNTFKLRVPFPRRAQDRKDVKTLIVEMLQAAKSN
;
_entity_poly.pdbx_strand_id   A,B,C,D
#
# COMPACT_ATOMS: atom_id res chain seq x y z
N LEU A 41 5.97 -25.60 -2.12
CA LEU A 41 5.58 -26.88 -2.71
C LEU A 41 5.21 -26.69 -4.19
N ILE A 42 4.54 -25.58 -4.48
CA ILE A 42 4.16 -25.29 -5.86
C ILE A 42 5.39 -25.21 -6.75
N GLN A 43 6.44 -24.52 -6.28
CA GLN A 43 7.63 -24.31 -7.10
C GLN A 43 8.29 -25.64 -7.48
N ALA A 44 8.27 -26.61 -6.58
CA ALA A 44 8.91 -27.90 -6.88
C ALA A 44 8.14 -28.66 -7.95
N HIS A 45 6.81 -28.57 -7.94
CA HIS A 45 6.02 -29.24 -8.97
C HIS A 45 6.17 -28.53 -10.32
N GLU A 46 6.10 -27.19 -10.31
CA GLU A 46 6.15 -26.45 -11.57
C GLU A 46 7.48 -26.61 -12.27
N GLU A 47 8.57 -26.72 -11.52
CA GLU A 47 9.88 -26.84 -12.14
C GLU A 47 10.10 -28.19 -12.79
N LYS A 48 9.34 -29.21 -12.38
CA LYS A 48 9.53 -30.56 -12.89
C LYS A 48 8.48 -30.99 -13.90
N ALA A 49 7.30 -30.36 -13.90
CA ALA A 49 6.21 -30.81 -14.73
C ALA A 49 6.55 -30.70 -16.21
N ALA A 50 6.20 -31.73 -16.97
CA ALA A 50 6.44 -31.72 -18.40
C ALA A 50 5.64 -30.61 -19.05
N ARG A 51 6.27 -29.90 -19.99
CA ARG A 51 5.61 -28.86 -20.76
C ARG A 51 6.38 -28.66 -22.06
N LEU A 52 5.75 -27.95 -22.99
CA LEU A 52 6.42 -27.64 -24.24
C LEU A 52 7.70 -26.87 -23.97
N SER A 53 8.68 -27.00 -24.86
CA SER A 53 9.86 -26.17 -24.78
C SER A 53 9.47 -24.70 -24.93
N PRO A 54 10.32 -23.77 -24.48
CA PRO A 54 9.95 -22.35 -24.60
C PRO A 54 9.62 -21.92 -26.03
N VAL A 55 10.44 -22.29 -27.02
CA VAL A 55 10.18 -21.83 -28.38
C VAL A 55 8.92 -22.49 -28.95
N GLU A 56 8.63 -23.73 -28.57
CA GLU A 56 7.41 -24.39 -29.03
C GLU A 56 6.17 -23.81 -28.36
N GLU A 57 6.29 -23.42 -27.10
CA GLU A 57 5.19 -22.75 -26.41
C GLU A 57 4.85 -21.42 -27.09
N ILE A 58 5.86 -20.59 -27.33
CA ILE A 58 5.62 -19.29 -27.95
C ILE A 58 5.12 -19.47 -29.38
N ARG A 59 5.70 -20.42 -30.12
CA ARG A 59 5.22 -20.70 -31.47
C ARG A 59 3.75 -21.11 -31.44
N THR A 60 3.38 -21.93 -30.44
CA THR A 60 2.01 -22.43 -30.38
C THR A 60 1.03 -21.34 -29.96
N VAL A 61 1.38 -20.55 -28.95
CA VAL A 61 0.48 -19.51 -28.48
C VAL A 61 0.28 -18.45 -29.55
N LEU A 62 1.37 -18.06 -30.22
CA LEU A 62 1.26 -17.07 -31.28
C LEU A 62 0.36 -17.57 -32.40
N ASN A 63 0.53 -18.83 -32.80
CA ASN A 63 -0.29 -19.38 -33.87
C ASN A 63 -1.76 -19.42 -33.49
N GLY A 64 -2.05 -19.60 -32.20
CA GLY A 64 -3.42 -19.59 -31.71
C GLY A 64 -4.02 -18.23 -31.47
N SER A 65 -3.22 -17.17 -31.52
CA SER A 65 -3.73 -15.83 -31.28
C SER A 65 -4.21 -15.19 -32.57
N ILE A 66 -5.25 -14.36 -32.47
CA ILE A 66 -5.86 -13.73 -33.63
C ILE A 66 -5.98 -12.22 -33.50
N CYS A 67 -5.52 -11.63 -32.41
CA CYS A 67 -5.56 -10.19 -32.23
CA CYS A 67 -5.56 -10.18 -32.24
C CYS A 67 -4.44 -9.77 -31.30
N GLY A 68 -3.93 -8.56 -31.48
CA GLY A 68 -2.83 -8.08 -30.67
C GLY A 68 -2.65 -6.59 -30.81
N MET A 69 -1.63 -6.07 -30.11
CA MET A 69 -1.33 -4.65 -30.11
CA MET A 69 -1.34 -4.65 -30.12
C MET A 69 -0.12 -4.40 -31.00
N LEU A 70 -0.32 -3.61 -32.05
CA LEU A 70 0.70 -3.25 -33.01
C LEU A 70 1.36 -1.94 -32.60
N SER A 71 2.69 -1.95 -32.43
CA SER A 71 3.48 -0.74 -32.25
C SER A 71 4.15 -0.37 -33.57
N THR A 72 4.05 0.90 -33.96
CA THR A 72 4.65 1.43 -35.16
C THR A 72 5.43 2.71 -34.84
N PHE A 73 6.15 3.21 -35.83
CA PHE A 73 6.61 4.59 -35.84
C PHE A 73 5.47 5.47 -36.36
N SER A 74 5.13 6.53 -35.63
CA SER A 74 4.06 7.42 -36.08
C SER A 74 4.51 8.20 -37.30
N GLN A 75 3.80 8.03 -38.42
CA GLN A 75 4.15 8.79 -39.62
C GLN A 75 3.87 10.28 -39.41
N LYS A 76 2.76 10.60 -38.74
CA LYS A 76 2.35 11.99 -38.55
C LYS A 76 3.13 12.68 -37.43
N TYR A 77 3.33 12.00 -36.30
CA TYR A 77 3.98 12.61 -35.14
C TYR A 77 5.44 12.17 -35.14
N GLU A 78 6.26 12.95 -35.83
CA GLU A 78 7.68 12.64 -35.99
CA GLU A 78 7.67 12.61 -36.00
C GLU A 78 8.35 12.41 -34.64
N GLY A 79 9.11 11.32 -34.55
CA GLY A 79 9.82 10.98 -33.34
C GLY A 79 9.05 10.14 -32.34
N TYR A 80 7.75 9.92 -32.55
CA TYR A 80 6.98 9.17 -31.57
C TYR A 80 6.57 7.80 -32.10
N PRO A 81 6.50 6.80 -31.23
CA PRO A 81 5.86 5.54 -31.60
C PRO A 81 4.35 5.66 -31.50
N SER A 82 3.66 4.59 -31.92
CA SER A 82 2.21 4.61 -31.92
C SER A 82 1.70 3.19 -31.73
N GLY A 83 0.54 3.07 -31.12
CA GLY A 83 -0.05 1.77 -30.84
C GLY A 83 -1.45 1.67 -31.42
N SER A 84 -1.82 0.45 -31.81
CA SER A 84 -3.16 0.19 -32.31
C SER A 84 -3.50 -1.28 -32.15
N MET A 85 -4.79 -1.58 -32.08
CA MET A 85 -5.27 -2.95 -32.08
C MET A 85 -5.39 -3.45 -33.51
N VAL A 86 -4.93 -4.68 -33.74
CA VAL A 86 -5.01 -5.27 -35.08
C VAL A 86 -5.41 -6.75 -34.97
N ASP A 87 -6.24 -7.19 -35.91
CA ASP A 87 -6.43 -8.62 -36.15
C ASP A 87 -5.25 -9.15 -36.93
N PHE A 88 -4.93 -10.43 -36.72
CA PHE A 88 -3.89 -11.06 -37.51
C PHE A 88 -4.11 -12.56 -37.55
N ALA A 89 -3.34 -13.22 -38.41
CA ALA A 89 -3.31 -14.67 -38.49
C ALA A 89 -1.90 -15.07 -38.92
N CYS A 90 -1.29 -15.98 -38.16
CA CYS A 90 0.02 -16.47 -38.54
C CYS A 90 -0.10 -17.32 -39.80
N ASP A 91 0.86 -17.16 -40.71
CA ASP A 91 0.96 -18.07 -41.85
C ASP A 91 1.65 -19.36 -41.38
N ALA A 92 1.94 -20.26 -42.31
CA ALA A 92 2.50 -21.56 -41.92
C ALA A 92 3.85 -21.41 -41.23
N ASP A 93 4.59 -20.34 -41.54
CA ASP A 93 5.89 -20.09 -40.91
C ASP A 93 5.79 -19.30 -39.60
N GLY A 94 4.57 -18.97 -39.14
CA GLY A 94 4.43 -18.18 -37.94
C GLY A 94 4.50 -16.67 -38.14
N SER A 95 4.49 -16.18 -39.37
CA SER A 95 4.56 -14.74 -39.62
C SER A 95 3.17 -14.15 -39.58
N PRO A 96 2.91 -13.15 -38.74
CA PRO A 96 1.56 -12.56 -38.67
C PRO A 96 1.13 -11.93 -39.98
N ILE A 97 -0.08 -12.27 -40.42
CA ILE A 97 -0.70 -11.69 -41.60
C ILE A 97 -1.72 -10.66 -41.13
N LEU A 98 -1.60 -9.44 -41.63
CA LEU A 98 -2.52 -8.33 -41.34
C LEU A 98 -3.31 -7.99 -42.60
N ALA A 99 -4.58 -7.66 -42.42
CA ALA A 99 -5.42 -7.12 -43.49
C ALA A 99 -5.69 -5.66 -43.13
N VAL A 100 -4.97 -4.75 -43.77
CA VAL A 100 -4.95 -3.35 -43.36
C VAL A 100 -5.71 -2.49 -44.37
N SER A 101 -6.49 -1.55 -43.84
CA SER A 101 -7.21 -0.60 -44.67
C SER A 101 -6.30 0.58 -45.05
N SER A 102 -6.42 1.02 -46.30
CA SER A 102 -5.63 2.16 -46.76
CA SER A 102 -5.63 2.16 -46.76
C SER A 102 -5.94 3.44 -45.98
N LEU A 103 -7.09 3.49 -45.31
CA LEU A 103 -7.51 4.65 -44.53
C LEU A 103 -7.07 4.59 -43.07
N ALA A 104 -6.49 3.49 -42.62
CA ALA A 104 -6.11 3.36 -41.23
C ALA A 104 -4.80 4.08 -40.95
N VAL A 105 -4.69 4.67 -39.75
CA VAL A 105 -3.46 5.34 -39.35
C VAL A 105 -2.28 4.35 -39.33
N HIS A 106 -2.49 3.15 -38.79
CA HIS A 106 -1.35 2.24 -38.70
C HIS A 106 -0.89 1.76 -40.08
N THR A 107 -1.78 1.78 -41.08
CA THR A 107 -1.35 1.45 -42.44
C THR A 107 -0.38 2.49 -42.98
N LYS A 108 -0.73 3.78 -42.83
CA LYS A 108 0.19 4.84 -43.22
C LYS A 108 1.50 4.76 -42.44
N ASP A 109 1.44 4.40 -41.15
CA ASP A 109 2.65 4.18 -40.38
C ASP A 109 3.51 3.08 -41.01
N LEU A 110 2.90 1.92 -41.28
CA LEU A 110 3.64 0.76 -41.81
C LEU A 110 4.18 1.01 -43.22
N LEU A 111 3.47 1.79 -44.03
CA LEU A 111 3.99 2.11 -45.36
C LEU A 111 5.18 3.06 -45.27
N ALA A 112 5.21 3.94 -44.27
CA ALA A 112 6.33 4.87 -44.11
C ALA A 112 7.53 4.24 -43.43
N ASN A 113 7.29 3.28 -42.57
CA ASN A 113 8.34 2.58 -41.87
C ASN A 113 7.83 1.19 -41.54
N PRO A 114 8.35 0.16 -42.21
CA PRO A 114 7.81 -1.20 -42.00
C PRO A 114 8.24 -1.83 -40.68
N LYS A 115 9.18 -1.22 -39.97
CA LYS A 115 9.65 -1.81 -38.72
C LYS A 115 8.60 -1.61 -37.63
N CYS A 116 8.17 -2.72 -37.02
CA CYS A 116 7.05 -2.69 -36.11
C CYS A 116 7.22 -3.80 -35.08
N SER A 117 6.27 -3.89 -34.15
CA SER A 117 6.23 -5.00 -33.22
C SER A 117 4.77 -5.34 -32.94
N LEU A 118 4.55 -6.58 -32.53
CA LEU A 118 3.22 -7.11 -32.27
C LEU A 118 3.23 -7.72 -30.88
N LEU A 119 2.37 -7.22 -30.00
CA LEU A 119 2.28 -7.69 -28.62
C LEU A 119 1.05 -8.60 -28.49
N ILE A 120 1.27 -9.83 -28.03
CA ILE A 120 0.23 -10.84 -27.88
C ILE A 120 0.14 -11.22 -26.41
N ALA A 121 -1.06 -11.24 -25.87
CA ALA A 121 -1.31 -11.66 -24.49
C ALA A 121 -2.18 -12.91 -24.52
N ARG A 122 -1.60 -14.03 -24.08
CA ARG A 122 -2.32 -15.30 -24.05
C ARG A 122 -3.66 -15.17 -23.32
N ASP A 123 -3.63 -14.62 -22.10
CA ASP A 123 -4.84 -14.28 -21.33
C ASP A 123 -4.75 -12.79 -21.04
N PRO A 124 -5.32 -11.95 -21.89
CA PRO A 124 -5.09 -10.49 -21.77
C PRO A 124 -5.39 -9.91 -20.40
N GLU A 125 -6.37 -10.43 -19.68
CA GLU A 125 -6.71 -9.87 -18.37
C GLU A 125 -5.82 -10.41 -17.26
N ASP A 126 -5.21 -11.57 -17.43
CA ASP A 126 -4.27 -12.08 -16.46
C ASP A 126 -2.95 -11.33 -16.57
N ARG A 127 -2.59 -10.59 -15.53
CA ARG A 127 -1.37 -9.79 -15.57
C ARG A 127 -0.11 -10.60 -15.36
N THR A 128 -0.23 -11.82 -14.84
CA THR A 128 0.92 -12.72 -14.72
C THR A 128 1.02 -13.68 -15.90
N GLY A 129 0.16 -13.54 -16.89
CA GLY A 129 0.15 -14.46 -18.01
C GLY A 129 1.35 -14.26 -18.91
N LEU A 130 1.43 -15.12 -19.92
CA LEU A 130 2.47 -15.03 -20.93
C LEU A 130 2.19 -13.87 -21.88
N ARG A 131 3.19 -13.06 -22.15
CA ARG A 131 3.09 -11.97 -23.11
C ARG A 131 4.25 -12.06 -24.10
N ILE A 132 3.94 -11.99 -25.38
CA ILE A 132 4.90 -12.20 -26.45
C ILE A 132 4.95 -10.94 -27.31
N THR A 133 6.16 -10.46 -27.60
CA THR A 133 6.33 -9.35 -28.55
C THR A 133 7.16 -9.84 -29.72
N LEU A 134 6.57 -9.83 -30.90
CA LEU A 134 7.23 -10.18 -32.14
C LEU A 134 7.61 -8.88 -32.83
N HIS A 135 8.92 -8.67 -33.04
CA HIS A 135 9.44 -7.51 -33.75
C HIS A 135 9.78 -7.93 -35.17
N GLY A 136 9.41 -7.11 -36.14
CA GLY A 136 9.70 -7.47 -37.51
C GLY A 136 9.39 -6.35 -38.49
N ASP A 137 9.34 -6.73 -39.77
CA ASP A 137 9.15 -5.78 -40.86
C ASP A 137 7.88 -6.12 -41.63
N ALA A 138 6.96 -5.15 -41.69
CA ALA A 138 5.69 -5.35 -42.39
C ALA A 138 5.93 -5.21 -43.88
N VAL A 139 5.58 -6.26 -44.64
CA VAL A 139 5.85 -6.35 -46.06
C VAL A 139 4.53 -6.59 -46.78
N LEU A 140 4.32 -5.86 -47.87
CA LEU A 140 3.18 -6.15 -48.73
C LEU A 140 3.30 -7.56 -49.26
N VAL A 141 2.21 -8.29 -49.23
CA VAL A 141 2.22 -9.66 -49.75
C VAL A 141 2.21 -9.59 -51.27
N SER A 142 3.05 -10.40 -51.91
CA SER A 142 3.15 -10.40 -53.36
C SER A 142 1.87 -10.96 -53.99
N GLU A 143 1.72 -10.75 -55.30
CA GLU A 143 0.54 -11.25 -55.99
C GLU A 143 0.53 -12.78 -56.03
N LYS A 144 1.71 -13.41 -56.18
CA LYS A 144 1.77 -14.87 -56.18
C LYS A 144 1.33 -15.46 -54.84
N ASP A 145 1.60 -14.77 -53.73
CA ASP A 145 1.31 -15.30 -52.40
C ASP A 145 -0.07 -14.92 -51.88
N GLN A 146 -0.83 -14.10 -52.63
CA GLN A 146 -2.11 -13.60 -52.16
C GLN A 146 -3.05 -14.73 -51.72
N ALA A 147 -3.16 -15.77 -52.55
CA ALA A 147 -4.18 -16.79 -52.33
C ALA A 147 -3.90 -17.58 -51.05
N ALA A 148 -2.66 -17.99 -50.84
CA ALA A 148 -2.33 -18.74 -49.63
C ALA A 148 -2.46 -17.85 -48.39
N VAL A 149 -2.07 -16.59 -48.50
CA VAL A 149 -2.17 -15.66 -47.38
C VAL A 149 -3.64 -15.39 -47.05
N ARG A 150 -4.47 -15.20 -48.08
CA ARG A 150 -5.90 -14.96 -47.87
C ARG A 150 -6.54 -16.12 -47.12
N SER A 151 -6.18 -17.36 -47.48
CA SER A 151 -6.76 -18.52 -46.81
C SER A 151 -6.27 -18.66 -45.39
N ALA A 152 -4.98 -18.39 -45.14
CA ALA A 152 -4.47 -18.40 -43.78
C ALA A 152 -5.17 -17.36 -42.91
N TYR A 153 -5.45 -16.19 -43.47
CA TYR A 153 -6.12 -15.13 -42.71
C TYR A 153 -7.57 -15.50 -42.42
N LEU A 154 -8.29 -15.98 -43.43
CA LEU A 154 -9.69 -16.32 -43.25
C LEU A 154 -9.88 -17.56 -42.38
N ALA A 155 -8.88 -18.44 -42.28
CA ALA A 155 -8.97 -19.56 -41.34
C ALA A 155 -9.14 -19.05 -39.90
N LYS A 156 -8.53 -17.92 -39.55
CA LYS A 156 -8.66 -17.35 -38.22
C LYS A 156 -9.76 -16.30 -38.12
N HIS A 157 -10.14 -15.68 -39.23
CA HIS A 157 -11.18 -14.66 -39.28
C HIS A 157 -12.14 -15.02 -40.41
N PRO A 158 -12.99 -16.04 -40.19
CA PRO A 158 -13.77 -16.60 -41.31
C PRO A 158 -14.76 -15.64 -41.91
N LYS A 159 -15.20 -14.61 -41.19
CA LYS A 159 -16.20 -13.69 -41.70
C LYS A 159 -15.61 -12.39 -42.20
N ALA A 160 -14.28 -12.29 -42.36
CA ALA A 160 -13.64 -11.03 -42.76
C ALA A 160 -13.78 -10.84 -44.26
N PHE A 161 -15.03 -10.61 -44.68
CA PHE A 161 -15.33 -10.46 -46.10
C PHE A 161 -14.62 -9.27 -46.71
N TRP A 162 -14.37 -8.22 -45.92
CA TRP A 162 -13.76 -6.98 -46.40
C TRP A 162 -12.35 -7.17 -46.93
N VAL A 163 -11.68 -8.30 -46.66
CA VAL A 163 -10.31 -8.46 -47.13
C VAL A 163 -10.23 -8.39 -48.64
N ASP A 164 -11.35 -8.58 -49.34
CA ASP A 164 -11.38 -8.51 -50.79
C ASP A 164 -11.63 -7.10 -51.32
N PHE A 165 -12.07 -6.17 -50.49
CA PHE A 165 -12.34 -4.80 -50.94
C PHE A 165 -11.06 -4.12 -51.41
N GLY A 166 -11.24 -3.08 -52.22
CA GLY A 166 -10.10 -2.37 -52.78
C GLY A 166 -9.30 -1.59 -51.74
N ASP A 167 -9.96 -1.18 -50.65
CA ASP A 167 -9.29 -0.44 -49.59
C ASP A 167 -8.33 -1.28 -48.77
N PHE A 168 -8.40 -2.62 -48.88
CA PHE A 168 -7.64 -3.51 -48.01
C PHE A 168 -6.52 -4.22 -48.76
N SER A 169 -5.40 -4.40 -48.08
CA SER A 169 -4.27 -5.16 -48.58
C SER A 169 -3.76 -6.07 -47.48
N PHE A 170 -3.17 -7.19 -47.87
CA PHE A 170 -2.53 -8.09 -46.92
C PHE A 170 -1.09 -7.66 -46.72
N MET A 171 -0.66 -7.63 -45.46
CA MET A 171 0.73 -7.44 -45.11
C MET A 171 1.16 -8.60 -44.20
N ARG A 172 2.44 -8.92 -44.24
CA ARG A 172 3.02 -9.97 -43.42
C ARG A 172 4.15 -9.34 -42.60
N ILE A 173 4.12 -9.55 -41.29
CA ILE A 173 5.23 -9.08 -40.45
C ILE A 173 6.30 -10.18 -40.48
N GLU A 174 7.37 -9.94 -41.23
CA GLU A 174 8.47 -10.89 -41.28
C GLU A 174 9.27 -10.76 -39.99
N PRO A 175 9.33 -11.80 -39.15
CA PRO A 175 9.91 -11.63 -37.82
C PRO A 175 11.40 -11.41 -37.86
N LYS A 176 11.87 -10.50 -37.00
CA LYS A 176 13.29 -10.32 -36.73
C LYS A 176 13.69 -11.00 -35.42
N VAL A 177 12.88 -10.81 -34.39
CA VAL A 177 13.15 -11.40 -33.08
C VAL A 177 11.81 -11.55 -32.37
N VAL A 178 11.65 -12.65 -31.65
CA VAL A 178 10.44 -12.93 -30.88
C VAL A 178 10.83 -13.00 -29.41
N ARG A 179 10.32 -12.07 -28.60
CA ARG A 179 10.60 -11.99 -27.18
C ARG A 179 9.34 -12.29 -26.38
N TYR A 180 9.52 -12.90 -25.20
CA TYR A 180 8.39 -13.19 -24.33
C TYR A 180 8.73 -12.87 -22.88
N VAL A 181 7.70 -12.64 -22.09
CA VAL A 181 7.80 -12.50 -20.64
C VAL A 181 6.61 -13.23 -20.02
N SER A 182 6.83 -13.78 -18.83
CA SER A 182 5.80 -14.59 -18.19
C SER A 182 5.89 -14.44 -16.67
N GLY A 183 4.74 -14.40 -16.01
CA GLY A 183 4.67 -14.26 -14.57
C GLY A 183 5.29 -12.96 -14.09
N VAL A 184 4.83 -11.85 -14.65
CA VAL A 184 5.53 -10.58 -14.52
C VAL A 184 5.52 -10.04 -13.09
N ALA A 185 4.50 -10.40 -12.30
CA ALA A 185 4.39 -9.98 -10.91
C ALA A 185 4.22 -11.21 -10.02
N THR A 186 5.02 -12.24 -10.29
CA THR A 186 4.95 -13.49 -9.53
C THR A 186 6.35 -14.00 -9.27
N ALA A 187 6.44 -15.05 -8.44
CA ALA A 187 7.73 -15.66 -8.15
C ALA A 187 8.29 -16.38 -9.37
N PHE A 188 7.43 -16.79 -10.30
CA PHE A 188 7.85 -17.57 -11.46
C PHE A 188 8.00 -16.68 -12.69
N LEU A 189 8.85 -15.65 -12.55
CA LEU A 189 9.12 -14.72 -13.64
C LEU A 189 10.12 -15.36 -14.61
N GLY A 190 9.73 -15.43 -15.88
CA GLY A 190 10.60 -15.97 -16.90
C GLY A 190 10.56 -15.10 -18.15
N SER A 191 11.62 -15.19 -18.94
CA SER A 191 11.75 -14.37 -20.14
C SER A 191 12.76 -15.04 -21.07
N GLY A 192 12.80 -14.54 -22.30
CA GLY A 192 13.70 -15.08 -23.30
C GLY A 192 13.39 -14.48 -24.66
N GLU A 193 14.20 -14.87 -25.63
CA GLU A 193 14.00 -14.40 -27.00
C GLU A 193 14.46 -15.47 -27.97
N PHE A 194 13.91 -15.40 -29.19
CA PHE A 194 14.21 -16.35 -30.25
C PHE A 194 14.49 -15.60 -31.54
N SER A 195 15.50 -16.06 -32.25
CA SER A 195 15.78 -15.54 -33.58
C SER A 195 14.66 -15.96 -34.53
N LYS A 196 14.64 -15.32 -35.70
CA LYS A 196 13.70 -15.71 -36.74
C LYS A 196 13.82 -17.20 -37.07
N GLU A 197 15.06 -17.69 -37.19
CA GLU A 197 15.26 -19.08 -37.59
C GLU A 197 14.78 -20.04 -36.51
N GLU A 198 15.11 -19.74 -35.25
CA GLU A 198 14.64 -20.61 -34.16
C GLU A 198 13.12 -20.61 -34.07
N TYR A 199 12.49 -19.45 -34.22
CA TYR A 199 11.04 -19.37 -34.14
C TYR A 199 10.38 -20.13 -35.29
N GLN A 200 10.86 -19.92 -36.51
CA GLN A 200 10.21 -20.53 -37.67
C GLN A 200 10.40 -22.04 -37.68
N ALA A 201 11.52 -22.52 -37.13
CA ALA A 201 11.80 -23.96 -37.13
C ALA A 201 10.93 -24.70 -36.12
N ALA A 202 10.47 -24.02 -35.07
CA ALA A 202 9.62 -24.68 -34.09
C ALA A 202 8.28 -25.07 -34.72
N LYS A 203 7.73 -26.19 -34.25
CA LYS A 203 6.43 -26.64 -34.74
C LYS A 203 5.33 -26.20 -33.80
N VAL A 204 4.16 -25.90 -34.38
CA VAL A 204 2.97 -25.65 -33.59
C VAL A 204 2.46 -26.98 -33.05
N ASP A 205 2.20 -27.03 -31.75
CA ASP A 205 1.70 -28.25 -31.13
C ASP A 205 0.36 -28.64 -31.77
N PRO A 206 0.22 -29.88 -32.27
CA PRO A 206 -1.00 -30.26 -32.98
C PRO A 206 -2.20 -30.52 -32.09
N ILE A 207 -2.03 -30.51 -30.76
CA ILE A 207 -3.15 -30.76 -29.87
C ILE A 207 -3.76 -29.46 -29.32
N ALA A 208 -3.02 -28.36 -29.35
CA ALA A 208 -3.52 -27.11 -28.78
C ALA A 208 -4.79 -26.62 -29.46
N GLN A 209 -4.98 -26.97 -30.74
CA GLN A 209 -6.18 -26.54 -31.45
C GLN A 209 -7.46 -27.02 -30.78
N TYR A 210 -7.40 -28.10 -30.00
CA TYR A 210 -8.57 -28.63 -29.32
C TYR A 210 -8.77 -28.04 -27.93
N ALA A 211 -8.07 -26.95 -27.60
CA ALA A 211 -8.13 -26.43 -26.24
C ALA A 211 -9.53 -25.93 -25.88
N LYS A 212 -10.17 -25.20 -26.79
CA LYS A 212 -11.47 -24.63 -26.48
C LYS A 212 -12.53 -25.68 -26.18
N PRO A 213 -12.77 -26.69 -27.03
CA PRO A 213 -13.79 -27.69 -26.67
C PRO A 213 -13.46 -28.47 -25.41
N VAL A 214 -12.21 -28.88 -25.23
CA VAL A 214 -11.85 -29.68 -24.06
C VAL A 214 -12.01 -28.87 -22.78
N THR A 215 -11.54 -27.63 -22.79
CA THR A 215 -11.66 -26.80 -21.60
C THR A 215 -13.12 -26.46 -21.30
N SER A 216 -13.97 -26.41 -22.32
CA SER A 216 -15.39 -26.14 -22.08
C SER A 216 -16.06 -27.31 -21.40
N HIS A 217 -15.94 -28.51 -21.98
CA HIS A 217 -16.58 -29.69 -21.37
C HIS A 217 -16.11 -29.91 -19.94
N MET A 218 -14.84 -29.58 -19.64
CA MET A 218 -14.31 -29.83 -18.32
C MET A 218 -14.68 -28.71 -17.34
N ASN A 219 -14.54 -27.44 -17.76
CA ASN A 219 -14.76 -26.35 -16.83
C ASN A 219 -16.24 -26.18 -16.49
N LYS A 220 -17.14 -26.55 -17.40
CA LYS A 220 -18.56 -26.38 -17.14
C LYS A 220 -19.15 -27.55 -16.34
N ASP A 221 -18.85 -28.77 -16.76
CA ASP A 221 -19.52 -29.95 -16.24
C ASP A 221 -18.68 -30.80 -15.29
N HIS A 222 -17.36 -30.76 -15.39
CA HIS A 222 -16.52 -31.73 -14.69
C HIS A 222 -15.38 -31.06 -13.94
N GLU A 223 -15.63 -29.91 -13.31
CA GLU A 223 -14.57 -29.27 -12.54
C GLU A 223 -14.19 -30.09 -11.31
N GLU A 224 -15.09 -30.96 -10.84
CA GLU A 224 -14.73 -31.86 -9.75
C GLU A 224 -13.67 -32.86 -10.20
N ASP A 225 -13.77 -33.35 -11.43
CA ASP A 225 -12.74 -34.24 -11.97
C ASP A 225 -11.41 -33.53 -12.08
N THR A 226 -11.42 -32.28 -12.58
CA THR A 226 -10.18 -31.53 -12.71
C THR A 226 -9.55 -31.28 -11.35
N LYS A 227 -10.37 -31.00 -10.34
CA LYS A 227 -9.84 -30.77 -9.00
C LYS A 227 -9.19 -32.01 -8.44
N ALA A 228 -9.79 -33.19 -8.69
CA ALA A 228 -9.22 -34.43 -8.19
C ALA A 228 -7.88 -34.73 -8.85
N ILE A 229 -7.80 -34.57 -10.16
CA ILE A 229 -6.56 -34.81 -10.88
C ILE A 229 -5.45 -33.90 -10.37
N VAL A 230 -5.76 -32.61 -10.20
CA VAL A 230 -4.75 -31.67 -9.72
C VAL A 230 -4.27 -32.04 -8.32
N HIS A 231 -5.19 -32.38 -7.42
CA HIS A 231 -4.80 -32.78 -6.08
C HIS A 231 -4.00 -34.06 -6.11
N ASN A 232 -4.39 -35.00 -6.97
CA ASN A 232 -3.71 -36.29 -7.04
C ASN A 232 -2.27 -36.14 -7.53
N ILE A 233 -2.03 -35.23 -8.48
CA ILE A 233 -0.71 -35.12 -9.10
C ILE A 233 0.20 -34.19 -8.31
N THR A 234 -0.32 -33.06 -7.84
CA THR A 234 0.51 -32.07 -7.16
C THR A 234 0.53 -32.25 -5.65
N SER A 235 -0.36 -33.07 -5.10
CA SER A 235 -0.51 -33.24 -3.66
C SER A 235 -0.90 -31.93 -2.98
N ILE A 236 -1.65 -31.09 -3.69
CA ILE A 236 -2.14 -29.82 -3.19
C ILE A 236 -3.65 -29.92 -3.05
N PRO A 237 -4.22 -29.75 -1.86
CA PRO A 237 -5.68 -29.85 -1.70
C PRO A 237 -6.39 -28.65 -2.31
N VAL A 238 -6.46 -28.64 -3.64
CA VAL A 238 -7.00 -27.49 -4.37
C VAL A 238 -8.51 -27.41 -4.16
N GLU A 239 -9.01 -26.19 -3.92
CA GLU A 239 -10.44 -25.98 -3.74
C GLU A 239 -11.18 -25.88 -5.07
N SER A 240 -10.57 -25.26 -6.07
CA SER A 240 -11.15 -25.13 -7.40
C SER A 240 -10.03 -25.16 -8.42
N ALA A 241 -10.31 -25.75 -9.58
CA ALA A 241 -9.30 -25.88 -10.63
C ALA A 241 -9.94 -25.57 -11.98
N LEU A 242 -9.55 -24.45 -12.58
CA LEU A 242 -10.10 -24.01 -13.84
C LEU A 242 -9.09 -24.28 -14.95
N MET A 243 -9.47 -25.11 -15.91
CA MET A 243 -8.59 -25.48 -17.01
C MET A 243 -8.41 -24.30 -17.96
N LEU A 244 -7.15 -23.90 -18.18
CA LEU A 244 -6.83 -22.74 -19.01
C LEU A 244 -6.59 -23.08 -20.48
N ASP A 245 -5.58 -23.89 -20.76
CA ASP A 245 -5.16 -24.17 -22.13
C ASP A 245 -4.90 -25.67 -22.27
N LEU A 246 -4.30 -26.06 -23.39
CA LEU A 246 -4.10 -27.47 -23.68
C LEU A 246 -2.99 -27.63 -24.71
N ASP A 247 -2.13 -28.62 -24.51
CA ASP A 247 -1.15 -29.04 -25.51
C ASP A 247 -0.99 -30.55 -25.39
N SER A 248 -0.12 -31.12 -26.24
CA SER A 248 0.01 -32.57 -26.31
C SER A 248 0.64 -33.17 -25.06
N LEU A 249 1.25 -32.36 -24.20
CA LEU A 249 1.90 -32.83 -22.99
C LEU A 249 1.08 -32.59 -21.73
N GLY A 250 -0.06 -31.93 -21.82
CA GLY A 250 -0.86 -31.68 -20.65
C GLY A 250 -1.62 -30.36 -20.78
N PHE A 251 -2.04 -29.84 -19.64
CA PHE A 251 -2.79 -28.60 -19.60
C PHE A 251 -2.42 -27.82 -18.34
N ASN A 252 -2.70 -26.53 -18.37
CA ASN A 252 -2.52 -25.64 -17.23
C ASN A 252 -3.87 -25.32 -16.62
N VAL A 253 -3.87 -25.06 -15.31
CA VAL A 253 -5.10 -24.73 -14.60
C VAL A 253 -4.89 -23.51 -13.71
N LYS A 254 -5.97 -22.77 -13.49
CA LYS A 254 -6.04 -21.75 -12.45
C LYS A 254 -6.66 -22.37 -11.21
N ALA A 255 -5.90 -22.44 -10.12
CA ALA A 255 -6.33 -23.10 -8.90
C ALA A 255 -6.31 -22.15 -7.72
N THR A 256 -7.12 -22.48 -6.71
CA THR A 256 -7.23 -21.67 -5.49
C THR A 256 -7.14 -22.58 -4.27
N LEU A 257 -6.31 -22.18 -3.31
CA LEU A 257 -6.22 -22.86 -2.01
C LEU A 257 -6.03 -21.80 -0.93
N GLN A 258 -7.01 -21.67 -0.04
CA GLN A 258 -7.01 -20.65 1.00
C GLN A 258 -6.88 -19.23 0.43
N THR A 261 -4.87 -17.68 -5.35
CA THR A 261 -4.97 -18.08 -6.75
C THR A 261 -3.58 -18.24 -7.36
N PHE A 262 -3.39 -19.35 -8.08
CA PHE A 262 -2.10 -19.67 -8.68
C PHE A 262 -2.34 -20.63 -9.85
N LYS A 263 -1.33 -20.75 -10.70
CA LYS A 263 -1.41 -21.63 -11.86
C LYS A 263 -0.64 -22.92 -11.60
N LEU A 264 -1.17 -24.03 -12.08
CA LEU A 264 -0.54 -25.33 -11.93
C LEU A 264 -0.52 -26.05 -13.28
N ARG A 265 0.63 -26.64 -13.59
CA ARG A 265 0.80 -27.44 -14.79
C ARG A 265 0.40 -28.88 -14.48
N VAL A 266 -0.48 -29.44 -15.29
CA VAL A 266 -0.93 -30.82 -15.13
C VAL A 266 -0.47 -31.63 -16.33
N PRO A 267 0.67 -32.32 -16.27
CA PRO A 267 1.14 -33.09 -17.42
C PRO A 267 0.41 -34.41 -17.56
N PHE A 268 0.18 -34.81 -18.80
CA PHE A 268 -0.36 -36.13 -19.08
C PHE A 268 0.68 -37.21 -18.75
N PRO A 269 0.24 -38.44 -18.48
CA PRO A 269 1.21 -39.53 -18.31
C PRO A 269 1.99 -39.86 -19.57
N ARG A 270 1.54 -39.39 -20.72
CA ARG A 270 2.25 -39.53 -21.98
C ARG A 270 1.68 -38.50 -22.95
N ARG A 271 2.35 -38.35 -24.09
CA ARG A 271 1.92 -37.37 -25.09
C ARG A 271 0.59 -37.79 -25.72
N ALA A 272 -0.34 -36.84 -25.82
CA ALA A 272 -1.61 -37.09 -26.48
C ALA A 272 -1.42 -37.08 -27.99
N GLN A 273 -2.07 -38.02 -28.67
CA GLN A 273 -1.90 -38.19 -30.12
C GLN A 273 -2.97 -37.48 -30.95
N ASP A 274 -4.18 -37.31 -30.41
CA ASP A 274 -5.27 -36.70 -31.15
C ASP A 274 -6.34 -36.25 -30.17
N ARG A 275 -7.45 -35.75 -30.71
CA ARG A 275 -8.54 -35.23 -29.87
C ARG A 275 -9.06 -36.30 -28.92
N LYS A 276 -9.38 -37.49 -29.45
CA LYS A 276 -9.94 -38.53 -28.59
C LYS A 276 -8.94 -38.96 -27.53
N ASP A 277 -7.65 -39.03 -27.88
CA ASP A 277 -6.63 -39.42 -26.90
C ASP A 277 -6.59 -38.46 -25.71
N VAL A 278 -6.92 -37.19 -25.93
CA VAL A 278 -6.99 -36.25 -24.82
C VAL A 278 -8.07 -36.68 -23.84
N LYS A 279 -9.23 -37.10 -24.36
CA LYS A 279 -10.29 -37.62 -23.49
C LYS A 279 -9.85 -38.91 -22.80
N THR A 280 -9.22 -39.80 -23.56
CA THR A 280 -8.71 -41.05 -22.99
C THR A 280 -7.76 -40.77 -21.82
N LEU A 281 -6.84 -39.82 -22.01
CA LEU A 281 -5.84 -39.55 -20.97
C LEU A 281 -6.46 -38.87 -19.77
N ILE A 282 -7.43 -37.98 -19.96
CA ILE A 282 -8.06 -37.32 -18.82
C ILE A 282 -8.82 -38.35 -17.98
N VAL A 283 -9.58 -39.23 -18.63
CA VAL A 283 -10.28 -40.28 -17.90
C VAL A 283 -9.29 -41.18 -17.18
N GLU A 284 -8.19 -41.51 -17.84
CA GLU A 284 -7.17 -42.35 -17.24
C GLU A 284 -6.57 -41.68 -16.00
N MET A 285 -6.35 -40.36 -16.06
CA MET A 285 -5.83 -39.65 -14.89
C MET A 285 -6.84 -39.54 -13.77
N LEU A 286 -8.13 -39.47 -14.12
CA LEU A 286 -9.17 -39.41 -13.09
C LEU A 286 -9.26 -40.73 -12.33
N GLN A 287 -9.17 -41.86 -13.04
CA GLN A 287 -9.21 -43.17 -12.39
C GLN A 287 -8.10 -43.28 -11.34
N ALA A 288 -6.92 -42.78 -11.65
CA ALA A 288 -5.82 -42.80 -10.69
C ALA A 288 -6.12 -41.91 -9.49
N PHE B 39 -32.36 0.51 -38.09
CA PHE B 39 -31.51 0.68 -39.28
C PHE B 39 -31.23 2.16 -39.52
N LYS B 40 -32.28 2.91 -39.82
CA LYS B 40 -32.18 4.35 -40.00
C LYS B 40 -32.60 5.14 -38.77
N LEU B 41 -33.43 4.55 -37.90
CA LEU B 41 -33.80 5.23 -36.66
C LEU B 41 -32.62 5.29 -35.69
N ILE B 42 -31.82 4.23 -35.65
CA ILE B 42 -30.63 4.23 -34.81
C ILE B 42 -29.68 5.34 -35.22
N GLN B 43 -29.42 5.45 -36.53
CA GLN B 43 -28.48 6.46 -37.01
C GLN B 43 -28.98 7.88 -36.70
N ALA B 44 -30.30 8.09 -36.83
CA ALA B 44 -30.87 9.41 -36.56
C ALA B 44 -30.86 9.73 -35.07
N HIS B 45 -31.07 8.73 -34.22
CA HIS B 45 -31.06 8.96 -32.77
C HIS B 45 -29.65 9.24 -32.27
N GLU B 46 -28.66 8.48 -32.73
CA GLU B 46 -27.30 8.64 -32.22
C GLU B 46 -26.74 10.00 -32.59
N GLU B 47 -27.10 10.53 -33.75
CA GLU B 47 -26.54 11.80 -34.20
C GLU B 47 -27.07 12.98 -33.40
N LYS B 48 -28.23 12.85 -32.76
CA LYS B 48 -28.84 13.95 -32.03
C LYS B 48 -28.73 13.81 -30.51
N ALA B 49 -28.51 12.60 -30.01
CA ALA B 49 -28.53 12.37 -28.56
C ALA B 49 -27.42 13.13 -27.87
N ALA B 50 -27.76 13.75 -26.74
CA ALA B 50 -26.79 14.51 -25.98
C ALA B 50 -25.67 13.60 -25.47
N ARG B 51 -24.45 14.08 -25.57
CA ARG B 51 -23.29 13.35 -25.08
C ARG B 51 -22.18 14.35 -24.82
N LEU B 52 -21.16 13.90 -24.08
CA LEU B 52 -20.00 14.76 -23.84
C LEU B 52 -19.37 15.17 -25.15
N SER B 53 -18.72 16.32 -25.14
CA SER B 53 -17.95 16.73 -26.29
C SER B 53 -16.81 15.75 -26.52
N PRO B 54 -16.25 15.71 -27.74
CA PRO B 54 -15.15 14.77 -27.98
C PRO B 54 -14.00 14.87 -26.98
N VAL B 55 -13.52 16.08 -26.69
CA VAL B 55 -12.36 16.19 -25.79
C VAL B 55 -12.72 15.81 -24.37
N GLU B 56 -13.94 16.11 -23.93
CA GLU B 56 -14.35 15.73 -22.58
C GLU B 56 -14.56 14.22 -22.49
N GLU B 57 -15.07 13.60 -23.55
CA GLU B 57 -15.18 12.15 -23.55
C GLU B 57 -13.81 11.51 -23.45
N ILE B 58 -12.86 11.95 -24.27
CA ILE B 58 -11.52 11.37 -24.24
C ILE B 58 -10.85 11.68 -22.90
N ARG B 59 -10.99 12.90 -22.41
CA ARG B 59 -10.44 13.25 -21.10
C ARG B 59 -10.99 12.34 -20.01
N THR B 60 -12.30 12.06 -20.06
CA THR B 60 -12.96 11.27 -19.02
C THR B 60 -12.61 9.79 -19.12
N VAL B 61 -12.61 9.24 -20.34
CA VAL B 61 -12.30 7.81 -20.51
C VAL B 61 -10.87 7.52 -20.08
N LEU B 62 -9.94 8.40 -20.46
CA LEU B 62 -8.55 8.20 -20.07
C LEU B 62 -8.38 8.25 -18.55
N ASN B 63 -9.05 9.21 -17.89
CA ASN B 63 -8.91 9.32 -16.45
C ASN B 63 -9.45 8.08 -15.74
N GLY B 64 -10.48 7.46 -16.29
CA GLY B 64 -11.02 6.25 -15.71
C GLY B 64 -10.26 4.99 -16.03
N SER B 65 -9.29 5.05 -16.93
CA SER B 65 -8.52 3.88 -17.32
C SER B 65 -7.32 3.71 -16.41
N ILE B 66 -6.96 2.44 -16.17
CA ILE B 66 -5.89 2.11 -15.25
C ILE B 66 -4.83 1.20 -15.85
N CYS B 67 -4.97 0.81 -17.11
CA CYS B 67 -3.98 -0.06 -17.75
CA CYS B 67 -3.95 -0.01 -17.76
C CYS B 67 -4.08 0.13 -19.26
N GLY B 68 -2.94 -0.03 -19.94
CA GLY B 68 -2.92 0.12 -21.38
C GLY B 68 -1.63 -0.42 -21.97
N MET B 69 -1.44 -0.19 -23.26
CA MET B 69 -0.29 -0.70 -23.97
CA MET B 69 -0.30 -0.69 -23.99
C MET B 69 0.68 0.44 -24.25
N LEU B 70 1.88 0.32 -23.69
CA LEU B 70 2.93 1.31 -23.89
C LEU B 70 3.78 0.92 -25.09
N SER B 71 3.89 1.82 -26.07
CA SER B 71 4.84 1.66 -27.17
C SER B 71 6.07 2.52 -26.89
N THR B 72 7.25 1.92 -27.08
CA THR B 72 8.53 2.60 -26.90
C THR B 72 9.40 2.35 -28.12
N PHE B 73 10.53 3.05 -28.19
CA PHE B 73 11.63 2.66 -29.06
C PHE B 73 12.41 1.55 -28.37
N SER B 74 12.64 0.45 -29.08
CA SER B 74 13.38 -0.66 -28.47
C SER B 74 14.84 -0.27 -28.32
N GLN B 75 15.31 -0.27 -27.07
CA GLN B 75 16.71 0.02 -26.81
C GLN B 75 17.61 -1.08 -27.35
N LYS B 76 17.20 -2.35 -27.19
CA LYS B 76 18.02 -3.47 -27.61
C LYS B 76 17.94 -3.73 -29.11
N TYR B 77 16.73 -3.67 -29.68
CA TYR B 77 16.52 -3.97 -31.10
C TYR B 77 16.41 -2.64 -31.84
N GLU B 78 17.56 -2.10 -32.23
CA GLU B 78 17.61 -0.75 -32.76
C GLU B 78 16.79 -0.63 -34.04
N GLY B 79 16.03 0.47 -34.14
CA GLY B 79 15.18 0.71 -35.28
C GLY B 79 13.77 0.15 -35.14
N TYR B 80 13.50 -0.69 -34.13
CA TYR B 80 12.19 -1.28 -33.98
C TYR B 80 11.45 -0.67 -32.80
N PRO B 81 10.13 -0.54 -32.88
CA PRO B 81 9.35 -0.20 -31.69
C PRO B 81 9.08 -1.45 -30.87
N SER B 82 8.54 -1.23 -29.69
CA SER B 82 8.27 -2.34 -28.79
C SER B 82 7.04 -1.99 -27.97
N GLY B 83 6.27 -3.02 -27.62
CA GLY B 83 5.05 -2.84 -26.86
C GLY B 83 5.09 -3.64 -25.58
N SER B 84 4.40 -3.13 -24.56
CA SER B 84 4.28 -3.85 -23.29
C SER B 84 3.06 -3.34 -22.55
N MET B 85 2.51 -4.19 -21.69
CA MET B 85 1.38 -3.79 -20.87
C MET B 85 1.87 -3.06 -19.63
N VAL B 86 1.20 -1.95 -19.29
CA VAL B 86 1.56 -1.17 -18.12
C VAL B 86 0.29 -0.75 -17.40
N ASP B 87 0.35 -0.77 -16.07
CA ASP B 87 -0.62 -0.06 -15.25
C ASP B 87 -0.28 1.42 -15.23
N PHE B 88 -1.31 2.25 -15.10
CA PHE B 88 -1.06 3.69 -14.98
C PHE B 88 -2.24 4.34 -14.27
N ALA B 89 -2.05 5.61 -13.93
CA ALA B 89 -3.09 6.44 -13.36
C ALA B 89 -2.86 7.87 -13.82
N CYS B 90 -3.89 8.51 -14.38
CA CYS B 90 -3.75 9.90 -14.76
C CYS B 90 -3.59 10.79 -13.53
N ASP B 91 -2.69 11.75 -13.61
CA ASP B 91 -2.65 12.77 -12.57
C ASP B 91 -3.77 13.78 -12.84
N ALA B 92 -3.82 14.83 -12.02
CA ALA B 92 -4.94 15.78 -12.11
C ALA B 92 -4.99 16.45 -13.48
N ASP B 93 -3.86 16.59 -14.16
CA ASP B 93 -3.84 17.18 -15.50
C ASP B 93 -4.14 16.18 -16.60
N GLY B 94 -4.38 14.91 -16.26
CA GLY B 94 -4.60 13.88 -17.25
C GLY B 94 -3.33 13.22 -17.78
N SER B 95 -2.18 13.48 -17.16
CA SER B 95 -0.91 12.87 -17.59
C SER B 95 -0.75 11.50 -16.96
N PRO B 96 -0.52 10.45 -17.76
CA PRO B 96 -0.37 9.11 -17.20
C PRO B 96 0.84 9.01 -16.28
N ILE B 97 0.63 8.44 -15.11
CA ILE B 97 1.67 8.13 -14.15
C ILE B 97 1.98 6.65 -14.24
N LEU B 98 3.23 6.31 -14.45
CA LEU B 98 3.67 4.92 -14.48
C LEU B 98 4.56 4.65 -13.27
N ALA B 99 4.45 3.45 -12.71
CA ALA B 99 5.37 2.97 -11.68
C ALA B 99 6.21 1.88 -12.32
N VAL B 100 7.43 2.22 -12.71
CA VAL B 100 8.25 1.38 -13.57
C VAL B 100 9.37 0.74 -12.77
N SER B 101 9.60 -0.55 -13.01
CA SER B 101 10.70 -1.27 -12.39
C SER B 101 11.98 -1.09 -13.19
N SER B 102 13.09 -0.87 -12.49
CA SER B 102 14.37 -0.69 -13.14
C SER B 102 14.84 -1.95 -13.87
N LEU B 103 14.20 -3.10 -13.63
CA LEU B 103 14.52 -4.33 -14.33
C LEU B 103 13.64 -4.57 -15.55
N ALA B 104 12.64 -3.73 -15.80
CA ALA B 104 11.74 -3.95 -16.91
C ALA B 104 12.37 -3.49 -18.22
N VAL B 105 12.04 -4.19 -19.31
CA VAL B 105 12.55 -3.81 -20.62
C VAL B 105 12.08 -2.40 -20.98
N HIS B 106 10.79 -2.11 -20.77
CA HIS B 106 10.27 -0.81 -21.18
C HIS B 106 10.87 0.35 -20.38
N THR B 107 11.36 0.10 -19.17
CA THR B 107 12.05 1.16 -18.43
C THR B 107 13.36 1.52 -19.11
N LYS B 108 14.15 0.52 -19.48
CA LYS B 108 15.38 0.78 -20.22
C LYS B 108 15.09 1.50 -21.53
N ASP B 109 14.00 1.13 -22.21
CA ASP B 109 13.60 1.84 -23.42
C ASP B 109 13.35 3.33 -23.13
N LEU B 110 12.57 3.61 -22.10
CA LEU B 110 12.19 4.99 -21.79
C LEU B 110 13.38 5.82 -21.34
N LEU B 111 14.37 5.22 -20.66
CA LEU B 111 15.54 5.99 -20.25
C LEU B 111 16.44 6.31 -21.45
N ALA B 112 16.46 5.45 -22.46
CA ALA B 112 17.25 5.73 -23.65
C ALA B 112 16.54 6.67 -24.61
N ASN B 113 15.21 6.63 -24.64
CA ASN B 113 14.41 7.51 -25.47
C ASN B 113 13.06 7.71 -24.80
N PRO B 114 12.77 8.91 -24.29
CA PRO B 114 11.52 9.11 -23.53
C PRO B 114 10.26 9.23 -24.37
N LYS B 115 10.37 9.31 -25.70
CA LYS B 115 9.20 9.44 -26.56
C LYS B 115 8.46 8.12 -26.66
N CYS B 116 7.16 8.14 -26.35
CA CYS B 116 6.41 6.90 -26.23
C CYS B 116 4.95 7.16 -26.58
N SER B 117 4.14 6.10 -26.53
CA SER B 117 2.71 6.27 -26.70
C SER B 117 2.00 5.26 -25.81
N LEU B 118 0.76 5.58 -25.48
CA LEU B 118 -0.06 4.78 -24.58
C LEU B 118 -1.38 4.53 -25.27
N LEU B 119 -1.72 3.26 -25.48
CA LEU B 119 -2.97 2.89 -26.14
C LEU B 119 -3.98 2.44 -25.10
N ILE B 120 -5.15 3.06 -25.10
CA ILE B 120 -6.21 2.78 -24.14
CA ILE B 120 -6.21 2.80 -24.14
C ILE B 120 -7.44 2.28 -24.89
N ALA B 121 -8.03 1.21 -24.38
CA ALA B 121 -9.27 0.65 -24.92
C ALA B 121 -10.35 0.75 -23.84
N ARG B 122 -11.37 1.57 -24.09
CA ARG B 122 -12.47 1.73 -23.15
C ARG B 122 -13.08 0.38 -22.79
N ASP B 123 -13.43 -0.41 -23.80
CA ASP B 123 -13.92 -1.77 -23.65
C ASP B 123 -13.00 -2.67 -24.47
N PRO B 124 -11.94 -3.21 -23.86
CA PRO B 124 -10.92 -3.92 -24.64
C PRO B 124 -11.45 -5.03 -25.54
N GLU B 125 -12.56 -5.68 -25.17
CA GLU B 125 -13.09 -6.76 -26.00
C GLU B 125 -13.96 -6.24 -27.14
N ASP B 126 -14.55 -5.06 -27.01
CA ASP B 126 -15.35 -4.47 -28.07
C ASP B 126 -14.43 -3.88 -29.14
N ARG B 127 -14.50 -4.44 -30.35
CA ARG B 127 -13.65 -3.97 -31.45
C ARG B 127 -14.19 -2.71 -32.12
N THR B 128 -15.45 -2.36 -31.89
CA THR B 128 -16.00 -1.10 -32.38
C THR B 128 -15.92 -0.01 -31.32
N GLY B 129 -15.31 -0.29 -30.18
CA GLY B 129 -15.25 0.65 -29.09
C GLY B 129 -14.32 1.80 -29.37
N LEU B 130 -14.26 2.72 -28.40
CA LEU B 130 -13.36 3.85 -28.44
C LEU B 130 -11.94 3.39 -28.11
N ARG B 131 -10.97 3.86 -28.90
CA ARG B 131 -9.57 3.58 -28.62
C ARG B 131 -8.78 4.88 -28.66
N ILE B 132 -7.96 5.10 -27.63
CA ILE B 132 -7.25 6.36 -27.45
C ILE B 132 -5.76 6.09 -27.48
N THR B 133 -5.02 6.89 -28.25
CA THR B 133 -3.56 6.84 -28.28
C THR B 133 -3.02 8.18 -27.78
N LEU B 134 -2.33 8.15 -26.66
CA LEU B 134 -1.68 9.34 -26.10
C LEU B 134 -0.18 9.26 -26.40
N HIS B 135 0.33 10.24 -27.15
CA HIS B 135 1.75 10.30 -27.45
C HIS B 135 2.42 11.35 -26.55
N GLY B 136 3.57 11.01 -25.99
CA GLY B 136 4.24 11.98 -25.14
C GLY B 136 5.62 11.55 -24.74
N ASP B 137 6.14 12.24 -23.72
CA ASP B 137 7.52 12.08 -23.27
C ASP B 137 7.51 11.61 -21.82
N ALA B 138 8.15 10.48 -21.56
CA ALA B 138 8.22 9.95 -20.20
C ALA B 138 9.27 10.71 -19.41
N VAL B 139 8.86 11.28 -18.27
CA VAL B 139 9.72 12.12 -17.45
C VAL B 139 9.71 11.58 -16.02
N LEU B 140 10.89 11.45 -15.43
CA LEU B 140 10.98 11.07 -14.02
C LEU B 140 10.29 12.12 -13.15
N VAL B 141 9.50 11.66 -12.18
CA VAL B 141 8.78 12.56 -11.29
C VAL B 141 9.74 13.11 -10.24
N SER B 142 9.67 14.42 -10.00
CA SER B 142 10.54 15.07 -9.03
C SER B 142 10.19 14.66 -7.60
N GLU B 143 11.10 14.98 -6.68
CA GLU B 143 10.87 14.65 -5.28
C GLU B 143 9.72 15.47 -4.69
N LYS B 144 9.59 16.72 -5.12
CA LYS B 144 8.49 17.56 -4.66
C LYS B 144 7.14 16.97 -5.08
N ASP B 145 7.08 16.31 -6.23
CA ASP B 145 5.82 15.78 -6.77
C ASP B 145 5.56 14.34 -6.34
N GLN B 146 6.48 13.69 -5.63
CA GLN B 146 6.33 12.27 -5.29
C GLN B 146 5.02 12.00 -4.57
N ALA B 147 4.67 12.84 -3.59
CA ALA B 147 3.52 12.55 -2.72
C ALA B 147 2.22 12.63 -3.51
N ALA B 148 2.04 13.67 -4.31
CA ALA B 148 0.81 13.80 -5.08
C ALA B 148 0.71 12.69 -6.13
N VAL B 149 1.84 12.35 -6.74
CA VAL B 149 1.85 11.31 -7.77
C VAL B 149 1.56 9.95 -7.15
N ARG B 150 2.18 9.64 -6.01
CA ARG B 150 1.97 8.35 -5.35
C ARG B 150 0.49 8.15 -4.99
N SER B 151 -0.18 9.18 -4.49
CA SER B 151 -1.58 9.04 -4.12
C SER B 151 -2.48 8.89 -5.34
N ALA B 152 -2.20 9.66 -6.40
CA ALA B 152 -2.98 9.50 -7.62
C ALA B 152 -2.86 8.08 -8.16
N TYR B 153 -1.67 7.50 -8.08
CA TYR B 153 -1.47 6.14 -8.59
C TYR B 153 -2.18 5.13 -7.71
N LEU B 154 -2.06 5.25 -6.39
CA LEU B 154 -2.68 4.28 -5.50
C LEU B 154 -4.20 4.41 -5.49
N ALA B 155 -4.73 5.57 -5.82
CA ALA B 155 -6.18 5.69 -5.96
C ALA B 155 -6.73 4.75 -7.03
N LYS B 156 -5.96 4.49 -8.07
CA LYS B 156 -6.36 3.58 -9.13
C LYS B 156 -5.87 2.17 -8.91
N HIS B 157 -4.77 1.98 -8.17
CA HIS B 157 -4.19 0.68 -7.89
C HIS B 157 -3.97 0.58 -6.38
N PRO B 158 -5.03 0.39 -5.61
CA PRO B 158 -4.92 0.53 -4.15
C PRO B 158 -3.99 -0.47 -3.48
N LYS B 159 -3.73 -1.62 -4.07
CA LYS B 159 -2.90 -2.63 -3.44
C LYS B 159 -1.48 -2.65 -3.99
N ALA B 160 -1.10 -1.63 -4.77
CA ALA B 160 0.21 -1.60 -5.43
C ALA B 160 1.26 -1.04 -4.46
N PHE B 161 1.54 -1.81 -3.42
N PHE B 161 1.51 -1.85 -3.43
CA PHE B 161 2.48 -1.29 -2.43
CA PHE B 161 2.47 -1.49 -2.38
C PHE B 161 3.94 -1.57 -2.79
C PHE B 161 3.89 -1.40 -2.91
N TRP B 162 4.20 -2.18 -3.94
CA TRP B 162 5.57 -2.24 -4.47
C TRP B 162 6.08 -0.89 -4.95
N VAL B 163 5.21 0.11 -5.11
CA VAL B 163 5.65 1.41 -5.61
C VAL B 163 6.64 2.08 -4.67
N ASP B 164 6.71 1.62 -3.41
CA ASP B 164 7.65 2.17 -2.46
C ASP B 164 9.02 1.50 -2.52
N PHE B 165 9.12 0.34 -3.18
CA PHE B 165 10.39 -0.38 -3.24
C PHE B 165 11.43 0.42 -4.02
N GLY B 166 12.70 0.09 -3.77
CA GLY B 166 13.78 0.79 -4.43
C GLY B 166 13.88 0.50 -5.93
N ASP B 167 13.40 -0.67 -6.35
CA ASP B 167 13.43 -1.01 -7.78
C ASP B 167 12.44 -0.19 -8.60
N PHE B 168 11.47 0.46 -7.96
CA PHE B 168 10.39 1.13 -8.67
C PHE B 168 10.54 2.64 -8.58
N SER B 169 10.22 3.33 -9.69
CA SER B 169 10.18 4.77 -9.74
C SER B 169 8.91 5.20 -10.47
N PHE B 170 8.42 6.38 -10.13
CA PHE B 170 7.28 6.96 -10.82
C PHE B 170 7.76 7.75 -12.04
N MET B 171 7.11 7.54 -13.17
CA MET B 171 7.33 8.36 -14.35
C MET B 171 6.00 8.92 -14.82
N ARG B 172 6.06 10.07 -15.47
CA ARG B 172 4.88 10.74 -15.98
C ARG B 172 5.06 10.96 -17.47
N ILE B 173 4.07 10.53 -18.26
CA ILE B 173 4.06 10.76 -19.69
C ILE B 173 3.42 12.12 -19.94
N GLU B 174 4.26 13.11 -20.22
CA GLU B 174 3.75 14.43 -20.55
C GLU B 174 3.20 14.42 -21.96
N PRO B 175 1.91 14.65 -22.16
CA PRO B 175 1.30 14.44 -23.49
C PRO B 175 1.77 15.48 -24.50
N LYS B 176 1.97 15.00 -25.73
CA LYS B 176 2.19 15.83 -26.90
C LYS B 176 0.93 15.95 -27.73
N VAL B 177 0.24 14.84 -27.98
CA VAL B 177 -0.98 14.82 -28.77
C VAL B 177 -1.79 13.60 -28.34
N VAL B 178 -3.11 13.78 -28.28
CA VAL B 178 -4.03 12.70 -27.92
C VAL B 178 -4.95 12.44 -29.12
N ARG B 179 -4.86 11.25 -29.68
CA ARG B 179 -5.65 10.84 -30.83
C ARG B 179 -6.62 9.72 -30.43
N TYR B 180 -7.78 9.71 -31.07
CA TYR B 180 -8.77 8.67 -30.78
C TYR B 180 -9.41 8.18 -32.08
N VAL B 181 -9.94 6.96 -32.01
CA VAL B 181 -10.74 6.38 -33.08
C VAL B 181 -11.90 5.63 -32.44
N SER B 182 -13.03 5.59 -33.15
CA SER B 182 -14.24 4.99 -32.60
C SER B 182 -15.04 4.35 -33.73
N GLY B 183 -15.61 3.18 -33.44
CA GLY B 183 -16.43 2.48 -34.41
C GLY B 183 -15.71 2.10 -35.68
N VAL B 184 -14.69 1.24 -35.57
CA VAL B 184 -13.85 0.90 -36.72
C VAL B 184 -14.69 0.30 -37.84
N ALA B 185 -15.37 -0.80 -37.57
CA ALA B 185 -16.16 -1.51 -38.58
C ALA B 185 -17.65 -1.18 -38.45
N THR B 186 -17.99 0.10 -38.27
CA THR B 186 -19.36 0.50 -38.09
C THR B 186 -19.66 1.75 -38.90
N ALA B 187 -20.95 2.09 -38.98
CA ALA B 187 -21.37 3.30 -39.70
C ALA B 187 -20.97 4.57 -38.96
N PHE B 188 -20.83 4.51 -37.64
CA PHE B 188 -20.54 5.70 -36.84
C PHE B 188 -19.05 5.76 -36.50
N LEU B 189 -18.24 5.73 -37.57
CA LEU B 189 -16.80 5.82 -37.43
C LEU B 189 -16.39 7.27 -37.23
N GLY B 190 -15.66 7.54 -36.15
CA GLY B 190 -15.17 8.87 -35.87
C GLY B 190 -13.74 8.83 -35.39
N SER B 191 -13.03 9.92 -35.67
CA SER B 191 -11.64 10.05 -35.24
C SER B 191 -11.34 11.52 -35.01
N GLY B 192 -10.20 11.78 -34.38
CA GLY B 192 -9.79 13.14 -34.12
C GLY B 192 -8.56 13.15 -33.25
N GLU B 193 -8.05 14.36 -32.99
CA GLU B 193 -6.87 14.50 -32.16
C GLU B 193 -6.93 15.82 -31.40
N PHE B 194 -6.22 15.86 -30.27
CA PHE B 194 -6.19 17.01 -29.39
C PHE B 194 -4.76 17.35 -29.02
N SER B 195 -4.46 18.65 -28.99
CA SER B 195 -3.18 19.11 -28.50
C SER B 195 -3.11 18.90 -26.99
N LYS B 196 -1.89 19.02 -26.47
CA LYS B 196 -1.71 18.95 -25.02
C LYS B 196 -2.58 19.98 -24.31
N GLU B 197 -2.66 21.20 -24.85
CA GLU B 197 -3.42 22.27 -24.21
C GLU B 197 -4.91 21.99 -24.25
N GLU B 198 -5.44 21.54 -25.38
CA GLU B 198 -6.87 21.22 -25.44
C GLU B 198 -7.22 20.09 -24.50
N TYR B 199 -6.39 19.05 -24.45
CA TYR B 199 -6.66 17.90 -23.59
C TYR B 199 -6.61 18.28 -22.11
N GLN B 200 -5.60 19.04 -21.71
CA GLN B 200 -5.47 19.38 -20.29
C GLN B 200 -6.58 20.33 -19.83
N ALA B 201 -7.10 21.18 -20.72
CA ALA B 201 -8.13 22.14 -20.32
C ALA B 201 -9.48 21.46 -20.10
N ALA B 202 -9.73 20.33 -20.75
CA ALA B 202 -10.98 19.62 -20.55
C ALA B 202 -11.06 19.08 -19.12
N LYS B 203 -12.28 19.04 -18.59
CA LYS B 203 -12.52 18.51 -17.26
C LYS B 203 -13.00 17.08 -17.35
N VAL B 204 -12.61 16.28 -16.35
CA VAL B 204 -13.15 14.94 -16.20
C VAL B 204 -14.59 15.05 -15.71
N ASP B 205 -15.50 14.36 -16.39
CA ASP B 205 -16.91 14.40 -16.02
C ASP B 205 -17.07 13.90 -14.59
N PRO B 206 -17.72 14.67 -13.71
CA PRO B 206 -17.76 14.28 -12.29
C PRO B 206 -18.73 13.16 -11.98
N ILE B 207 -19.54 12.72 -12.94
CA ILE B 207 -20.48 11.63 -12.71
C ILE B 207 -19.94 10.28 -13.18
N ALA B 208 -18.95 10.27 -14.08
CA ALA B 208 -18.45 9.01 -14.62
C ALA B 208 -17.89 8.09 -13.53
N GLN B 209 -17.38 8.66 -12.43
CA GLN B 209 -16.80 7.84 -11.37
C GLN B 209 -17.81 6.87 -10.79
N TYR B 210 -19.10 7.18 -10.87
CA TYR B 210 -20.14 6.31 -10.32
C TYR B 210 -20.63 5.28 -11.33
N ALA B 211 -19.92 5.08 -12.43
CA ALA B 211 -20.40 4.18 -13.48
C ALA B 211 -20.49 2.74 -12.99
N LYS B 212 -19.48 2.27 -12.26
CA LYS B 212 -19.47 0.87 -11.84
C LYS B 212 -20.64 0.53 -10.92
N PRO B 213 -20.90 1.24 -9.82
CA PRO B 213 -22.07 0.85 -8.99
C PRO B 213 -23.39 1.00 -9.72
N VAL B 214 -23.59 2.08 -10.49
CA VAL B 214 -24.86 2.30 -11.17
C VAL B 214 -25.10 1.22 -12.22
N THR B 215 -24.08 0.91 -13.02
CA THR B 215 -24.25 -0.10 -14.06
C THR B 215 -24.45 -1.49 -13.47
N SER B 216 -23.86 -1.76 -12.30
CA SER B 216 -24.05 -3.07 -11.68
C SER B 216 -25.47 -3.24 -11.18
N HIS B 217 -25.97 -2.29 -10.37
CA HIS B 217 -27.32 -2.38 -9.84
C HIS B 217 -28.36 -2.47 -10.94
N MET B 218 -28.11 -1.83 -12.09
CA MET B 218 -29.08 -1.88 -13.18
C MET B 218 -28.96 -3.15 -13.99
N ASN B 219 -27.73 -3.56 -14.31
CA ASN B 219 -27.56 -4.74 -15.17
C ASN B 219 -27.92 -6.01 -14.43
N LYS B 220 -27.73 -6.04 -13.11
CA LYS B 220 -27.99 -7.25 -12.35
C LYS B 220 -29.47 -7.37 -11.96
N ASP B 221 -30.05 -6.31 -11.42
CA ASP B 221 -31.38 -6.40 -10.83
C ASP B 221 -32.49 -5.75 -11.65
N HIS B 222 -32.20 -4.78 -12.48
CA HIS B 222 -33.26 -3.97 -13.09
C HIS B 222 -33.07 -3.79 -14.59
N GLU B 223 -32.63 -4.85 -15.28
CA GLU B 223 -32.45 -4.75 -16.73
C GLU B 223 -33.77 -4.54 -17.47
N GLU B 224 -34.88 -4.92 -16.88
CA GLU B 224 -36.18 -4.65 -17.51
C GLU B 224 -36.45 -3.16 -17.57
N ASP B 225 -36.03 -2.42 -16.53
CA ASP B 225 -36.19 -0.97 -16.54
C ASP B 225 -35.36 -0.34 -17.67
N THR B 226 -34.12 -0.81 -17.85
CA THR B 226 -33.27 -0.27 -18.90
C THR B 226 -33.86 -0.50 -20.29
N LYS B 227 -34.45 -1.68 -20.50
CA LYS B 227 -35.06 -1.96 -21.80
C LYS B 227 -36.25 -1.04 -22.07
N ALA B 228 -37.05 -0.76 -21.05
CA ALA B 228 -38.20 0.13 -21.22
C ALA B 228 -37.76 1.55 -21.54
N ILE B 229 -36.81 2.07 -20.78
CA ILE B 229 -36.32 3.44 -21.00
C ILE B 229 -35.75 3.58 -22.40
N VAL B 230 -34.92 2.62 -22.82
CA VAL B 230 -34.36 2.66 -24.16
C VAL B 230 -35.45 2.58 -25.21
N HIS B 231 -36.42 1.70 -24.99
CA HIS B 231 -37.55 1.58 -25.92
C HIS B 231 -38.37 2.86 -25.95
N ASN B 232 -38.54 3.50 -24.79
CA ASN B 232 -39.35 4.71 -24.72
C ASN B 232 -38.70 5.86 -25.49
N ILE B 233 -37.38 5.96 -25.45
CA ILE B 233 -36.68 7.09 -26.05
C ILE B 233 -36.34 6.83 -27.52
N THR B 234 -35.86 5.63 -27.85
CA THR B 234 -35.40 5.33 -29.19
C THR B 234 -36.47 4.65 -30.05
N SER B 235 -37.57 4.19 -29.45
CA SER B 235 -38.62 3.45 -30.15
C SER B 235 -38.12 2.12 -30.71
N ILE B 236 -37.17 1.48 -30.03
CA ILE B 236 -36.68 0.16 -30.42
C ILE B 236 -37.06 -0.82 -29.31
N PRO B 237 -37.86 -1.85 -29.60
CA PRO B 237 -38.21 -2.88 -28.60
C PRO B 237 -37.05 -3.84 -28.35
N VAL B 238 -36.06 -3.37 -27.59
CA VAL B 238 -34.84 -4.15 -27.40
C VAL B 238 -35.13 -5.39 -26.57
N GLU B 239 -34.49 -6.50 -26.93
CA GLU B 239 -34.62 -7.74 -26.17
C GLU B 239 -33.79 -7.67 -24.91
N SER B 240 -32.64 -7.01 -24.97
CA SER B 240 -31.75 -6.84 -23.83
C SER B 240 -31.09 -5.48 -23.95
N ALA B 241 -30.85 -4.84 -22.80
CA ALA B 241 -30.20 -3.53 -22.76
C ALA B 241 -29.21 -3.54 -21.61
N LEU B 242 -27.93 -3.54 -21.94
CA LEU B 242 -26.85 -3.60 -20.96
C LEU B 242 -26.16 -2.25 -20.85
N MET B 243 -26.18 -1.67 -19.66
CA MET B 243 -25.53 -0.38 -19.45
C MET B 243 -24.01 -0.54 -19.53
N LEU B 244 -23.37 0.22 -20.41
CA LEU B 244 -21.93 0.14 -20.61
C LEU B 244 -21.20 1.12 -19.70
N ASP B 245 -21.50 2.41 -19.82
CA ASP B 245 -20.81 3.46 -19.10
C ASP B 245 -21.84 4.45 -18.55
N LEU B 246 -21.34 5.57 -18.04
CA LEU B 246 -22.19 6.57 -17.41
C LEU B 246 -21.45 7.90 -17.38
N ASP B 247 -22.17 8.98 -17.67
CA ASP B 247 -21.64 10.32 -17.46
C ASP B 247 -22.80 11.23 -17.04
N SER B 248 -22.50 12.51 -16.83
CA SER B 248 -23.50 13.43 -16.30
C SER B 248 -24.63 13.71 -17.27
N LEU B 249 -24.47 13.38 -18.56
CA LEU B 249 -25.50 13.66 -19.55
C LEU B 249 -26.30 12.42 -19.94
N GLY B 250 -25.97 11.26 -19.43
CA GLY B 250 -26.69 10.05 -19.76
C GLY B 250 -25.77 8.85 -19.74
N PHE B 251 -26.21 7.78 -20.40
CA PHE B 251 -25.43 6.55 -20.45
C PHE B 251 -25.62 5.89 -21.81
N ASN B 252 -24.69 4.98 -22.12
CA ASN B 252 -24.75 4.15 -23.31
C ASN B 252 -25.15 2.73 -22.93
N VAL B 253 -25.79 2.05 -23.87
CA VAL B 253 -26.23 0.68 -23.64
C VAL B 253 -25.78 -0.18 -24.81
N LYS B 254 -25.54 -1.45 -24.51
CA LYS B 254 -25.39 -2.50 -25.51
C LYS B 254 -26.76 -3.17 -25.67
N ALA B 255 -27.34 -3.06 -26.86
CA ALA B 255 -28.67 -3.57 -27.09
C ALA B 255 -28.66 -4.60 -28.21
N THR B 256 -29.66 -5.47 -28.20
CA THR B 256 -29.79 -6.54 -29.16
C THR B 256 -31.19 -6.52 -29.76
N LEU B 257 -31.26 -6.60 -31.09
CA LEU B 257 -32.53 -6.69 -31.79
C LEU B 257 -32.35 -7.68 -32.93
N GLN B 258 -33.11 -8.77 -32.90
CA GLN B 258 -32.96 -9.90 -33.82
C GLN B 258 -31.54 -10.43 -33.62
N GLY B 259 -30.71 -10.52 -34.65
CA GLY B 259 -29.36 -11.00 -34.49
C GLY B 259 -28.33 -9.89 -34.41
N ASN B 260 -28.76 -8.66 -34.62
CA ASN B 260 -27.86 -7.51 -34.63
C ASN B 260 -27.65 -6.98 -33.22
N THR B 261 -26.39 -6.68 -32.90
CA THR B 261 -26.01 -6.03 -31.66
C THR B 261 -25.47 -4.64 -31.99
N PHE B 262 -25.92 -3.63 -31.23
CA PHE B 262 -25.54 -2.26 -31.50
C PHE B 262 -25.62 -1.46 -30.21
N LYS B 263 -24.96 -0.31 -30.22
CA LYS B 263 -24.89 0.57 -29.06
C LYS B 263 -25.84 1.76 -29.23
N LEU B 264 -26.47 2.15 -28.12
CA LEU B 264 -27.43 3.25 -28.11
C LEU B 264 -27.10 4.22 -26.99
N ARG B 265 -27.15 5.51 -27.30
CA ARG B 265 -26.94 6.56 -26.32
C ARG B 265 -28.27 6.91 -25.67
N VAL B 266 -28.31 6.88 -24.34
CA VAL B 266 -29.53 7.23 -23.61
C VAL B 266 -29.27 8.50 -22.80
N PRO B 267 -29.62 9.66 -23.33
CA PRO B 267 -29.36 10.90 -22.58
C PRO B 267 -30.39 11.13 -21.48
N PHE B 268 -29.93 11.69 -20.37
CA PHE B 268 -30.84 12.10 -19.32
C PHE B 268 -31.67 13.30 -19.78
N PRO B 269 -32.84 13.52 -19.18
CA PRO B 269 -33.60 14.75 -19.49
C PRO B 269 -32.89 16.01 -19.04
N ARG B 270 -31.89 15.91 -18.17
CA ARG B 270 -31.06 17.04 -17.76
C ARG B 270 -29.77 16.48 -17.17
N ARG B 271 -28.80 17.37 -16.95
CA ARG B 271 -27.50 16.94 -16.44
C ARG B 271 -27.63 16.44 -15.01
N ALA B 272 -27.01 15.30 -14.73
CA ALA B 272 -27.00 14.74 -13.39
C ALA B 272 -26.01 15.48 -12.48
N GLN B 273 -26.44 15.76 -11.26
CA GLN B 273 -25.65 16.57 -10.34
C GLN B 273 -24.78 15.76 -9.37
N ASP B 274 -25.20 14.56 -9.00
CA ASP B 274 -24.44 13.76 -8.05
C ASP B 274 -24.89 12.31 -8.14
N ARG B 275 -24.34 11.48 -7.25
CA ARG B 275 -24.66 10.05 -7.25
C ARG B 275 -26.16 9.83 -7.10
N LYS B 276 -26.76 10.47 -6.10
CA LYS B 276 -28.21 10.28 -5.88
C LYS B 276 -29.01 10.80 -7.06
N ASP B 277 -28.59 11.91 -7.65
CA ASP B 277 -29.34 12.48 -8.78
C ASP B 277 -29.39 11.51 -9.96
N VAL B 278 -28.36 10.68 -10.14
CA VAL B 278 -28.39 9.69 -11.21
C VAL B 278 -29.53 8.70 -11.01
N LYS B 279 -29.75 8.26 -9.77
CA LYS B 279 -30.86 7.37 -9.48
C LYS B 279 -32.20 8.08 -9.68
N THR B 280 -32.30 9.33 -9.22
CA THR B 280 -33.52 10.11 -9.42
C THR B 280 -33.89 10.19 -10.89
N LEU B 281 -32.91 10.42 -11.76
CA LEU B 281 -33.19 10.58 -13.18
C LEU B 281 -33.60 9.26 -13.82
N ILE B 282 -32.99 8.15 -13.39
CA ILE B 282 -33.36 6.86 -13.97
C ILE B 282 -34.80 6.51 -13.61
N VAL B 283 -35.18 6.73 -12.35
CA VAL B 283 -36.56 6.49 -11.93
C VAL B 283 -37.52 7.40 -12.70
N GLU B 284 -37.16 8.67 -12.88
CA GLU B 284 -37.99 9.57 -13.65
C GLU B 284 -38.13 9.11 -15.09
N MET B 285 -37.06 8.62 -15.69
CA MET B 285 -37.17 8.10 -17.06
C MET B 285 -37.96 6.79 -17.08
N LEU B 286 -37.85 6.00 -16.02
CA LEU B 286 -38.66 4.78 -15.94
C LEU B 286 -40.13 5.14 -15.72
N GLN B 287 -40.40 6.07 -14.81
CA GLN B 287 -41.77 6.52 -14.56
C GLN B 287 -42.39 7.06 -15.84
N ALA B 288 -41.63 7.81 -16.64
CA ALA B 288 -42.14 8.33 -17.90
C ALA B 288 -42.45 7.21 -18.90
N ALA B 289 -41.96 6.00 -18.66
CA ALA B 289 -42.30 4.85 -19.49
C ALA B 289 -43.21 3.87 -18.79
N LYS B 290 -42.85 3.43 -17.58
CA LYS B 290 -43.62 2.46 -16.81
C LYS B 290 -45.00 3.02 -16.45
N LEU C 41 5.41 36.06 35.91
CA LEU C 41 5.22 36.74 34.64
C LEU C 41 4.81 35.76 33.55
N ILE C 42 5.41 34.56 33.58
CA ILE C 42 5.04 33.52 32.63
C ILE C 42 3.57 33.15 32.81
N GLN C 43 3.13 32.99 34.06
CA GLN C 43 1.76 32.58 34.33
C GLN C 43 0.75 33.60 33.81
N ALA C 44 1.09 34.89 33.87
CA ALA C 44 0.17 35.91 33.40
C ALA C 44 0.03 35.88 31.88
N HIS C 45 1.11 35.57 31.16
CA HIS C 45 1.02 35.50 29.71
C HIS C 45 0.26 34.27 29.26
N GLU C 46 0.55 33.11 29.88
CA GLU C 46 -0.07 31.86 29.46
C GLU C 46 -1.58 31.87 29.71
N GLU C 47 -2.04 32.53 30.77
CA GLU C 47 -3.46 32.54 31.06
C GLU C 47 -4.25 33.40 30.09
N LYS C 48 -3.59 34.33 29.39
CA LYS C 48 -4.27 35.26 28.50
C LYS C 48 -4.09 34.94 27.02
N ALA C 49 -3.05 34.19 26.66
CA ALA C 49 -2.75 33.96 25.26
C ALA C 49 -3.84 33.14 24.58
N ALA C 50 -4.20 33.56 23.36
CA ALA C 50 -5.23 32.84 22.60
C ALA C 50 -4.77 31.42 22.28
N ARG C 51 -5.69 30.48 22.43
CA ARG C 51 -5.42 29.09 22.09
C ARG C 51 -6.74 28.42 21.79
N LEU C 52 -6.66 27.24 21.18
CA LEU C 52 -7.87 26.47 20.91
C LEU C 52 -8.59 26.20 22.22
N SER C 53 -9.91 26.02 22.14
CA SER C 53 -10.64 25.59 23.31
C SER C 53 -10.15 24.20 23.71
N PRO C 54 -10.37 23.80 24.97
CA PRO C 54 -9.90 22.47 25.39
C PRO C 54 -10.36 21.32 24.50
N VAL C 55 -11.65 21.28 24.14
CA VAL C 55 -12.14 20.16 23.36
C VAL C 55 -11.58 20.18 21.94
N GLU C 56 -11.36 21.37 21.38
CA GLU C 56 -10.75 21.47 20.06
C GLU C 56 -9.28 21.10 20.10
N GLU C 57 -8.58 21.42 21.18
CA GLU C 57 -7.19 20.98 21.32
C GLU C 57 -7.10 19.45 21.35
N ILE C 58 -7.92 18.82 22.20
CA ILE C 58 -7.88 17.36 22.32
C ILE C 58 -8.31 16.71 21.02
N ARG C 59 -9.36 17.23 20.39
CA ARG C 59 -9.80 16.71 19.10
C ARG C 59 -8.67 16.81 18.07
N THR C 60 -7.94 17.92 18.07
CA THR C 60 -6.91 18.14 17.07
C THR C 60 -5.68 17.27 17.34
N VAL C 61 -5.25 17.20 18.60
CA VAL C 61 -4.08 16.40 18.94
C VAL C 61 -4.36 14.93 18.66
N LEU C 62 -5.56 14.44 19.01
CA LEU C 62 -5.89 13.05 18.74
C LEU C 62 -5.87 12.75 17.24
N ASN C 63 -6.45 13.64 16.44
CA ASN C 63 -6.51 13.41 15.00
C ASN C 63 -5.12 13.36 14.38
N GLY C 64 -4.18 14.13 14.92
CA GLY C 64 -2.82 14.12 14.41
C GLY C 64 -1.96 12.99 14.93
N SER C 65 -2.42 12.23 15.92
CA SER C 65 -1.63 11.15 16.50
C SER C 65 -1.88 9.85 15.73
N ILE C 66 -0.84 9.03 15.62
CA ILE C 66 -0.91 7.81 14.82
C ILE C 66 -0.51 6.56 15.60
N CYS C 67 -0.14 6.69 16.88
CA CYS C 67 0.25 5.55 17.68
CA CYS C 67 0.19 5.53 17.68
C CYS C 67 -0.04 5.86 19.14
N GLY C 68 -0.30 4.83 19.92
CA GLY C 68 -0.63 5.03 21.33
C GLY C 68 -0.67 3.71 22.06
N MET C 69 -0.99 3.78 23.35
CA MET C 69 -1.01 2.61 24.22
CA MET C 69 -1.01 2.60 24.19
C MET C 69 -2.45 2.15 24.43
N LEU C 70 -2.74 0.92 24.05
CA LEU C 70 -4.05 0.34 24.21
C LEU C 70 -4.10 -0.42 25.53
N SER C 71 -5.04 -0.07 26.39
CA SER C 71 -5.27 -0.85 27.60
C SER C 71 -6.49 -1.74 27.37
N THR C 72 -6.35 -3.02 27.72
CA THR C 72 -7.43 -3.97 27.62
C THR C 72 -7.54 -4.71 28.94
N PHE C 73 -8.59 -5.50 29.07
CA PHE C 73 -8.62 -6.57 30.06
C PHE C 73 -7.98 -7.81 29.46
N SER C 74 -7.06 -8.42 30.18
CA SER C 74 -6.33 -9.58 29.69
C SER C 74 -7.24 -10.80 29.62
N GLN C 75 -7.36 -11.37 28.42
CA GLN C 75 -8.07 -12.64 28.26
C GLN C 75 -7.30 -13.78 28.91
N LYS C 76 -5.98 -13.81 28.76
CA LYS C 76 -5.22 -14.94 29.33
C LYS C 76 -5.01 -14.78 30.83
N TYR C 77 -4.69 -13.57 31.30
CA TYR C 77 -4.41 -13.35 32.71
C TYR C 77 -5.66 -12.74 33.34
N GLU C 78 -6.63 -13.62 33.59
CA GLU C 78 -7.95 -13.19 34.05
CA GLU C 78 -7.95 -13.23 34.07
C GLU C 78 -7.85 -12.32 35.30
N GLY C 79 -8.56 -11.20 35.28
CA GLY C 79 -8.58 -10.26 36.37
C GLY C 79 -7.60 -9.11 36.27
N TYR C 80 -6.68 -9.15 35.32
CA TYR C 80 -5.68 -8.11 35.18
C TYR C 80 -5.94 -7.30 33.92
N PRO C 81 -5.64 -6.01 33.93
CA PRO C 81 -5.57 -5.26 32.68
C PRO C 81 -4.24 -5.52 31.99
N SER C 82 -4.13 -5.05 30.75
CA SER C 82 -2.96 -5.30 29.95
C SER C 82 -2.75 -4.12 29.00
N GLY C 83 -1.50 -3.86 28.67
CA GLY C 83 -1.16 -2.76 27.78
C GLY C 83 -0.36 -3.24 26.57
N SER C 84 -0.54 -2.52 25.46
CA SER C 84 0.23 -2.81 24.26
C SER C 84 0.29 -1.57 23.38
N MET C 85 1.33 -1.48 22.57
CA MET C 85 1.45 -0.40 21.59
C MET C 85 0.65 -0.76 20.35
N VAL C 86 -0.09 0.22 19.83
CA VAL C 86 -0.88 0.06 18.61
C VAL C 86 -0.77 1.29 17.74
N ASP C 87 -0.71 1.06 16.43
CA ASP C 87 -0.96 2.12 15.46
C ASP C 87 -2.46 2.37 15.33
N PHE C 88 -2.82 3.60 14.99
CA PHE C 88 -4.22 3.91 14.77
C PHE C 88 -4.34 5.13 13.86
N ALA C 89 -5.58 5.40 13.45
CA ALA C 89 -5.93 6.60 12.71
C ALA C 89 -7.35 6.98 13.08
N CYS C 90 -7.57 8.22 13.46
CA CYS C 90 -8.93 8.67 13.74
C CYS C 90 -9.75 8.70 12.46
N ASP C 91 -11.00 8.24 12.54
CA ASP C 91 -11.90 8.45 11.43
C ASP C 91 -12.42 9.89 11.48
N ALA C 92 -13.33 10.23 10.57
CA ALA C 92 -13.79 11.62 10.47
C ALA C 92 -14.48 12.08 11.75
N ASP C 93 -15.04 11.15 12.52
CA ASP C 93 -15.67 11.47 13.79
C ASP C 93 -14.69 11.51 14.95
N GLY C 94 -13.41 11.26 14.69
CA GLY C 94 -12.43 11.21 15.75
C GLY C 94 -12.29 9.87 16.45
N SER C 95 -12.92 8.82 15.93
CA SER C 95 -12.86 7.49 16.53
C SER C 95 -11.62 6.75 16.04
N PRO C 96 -10.77 6.26 16.95
CA PRO C 96 -9.56 5.56 16.53
C PRO C 96 -9.88 4.29 15.75
N ILE C 97 -9.19 4.13 14.62
CA ILE C 97 -9.27 2.92 13.80
C ILE C 97 -8.01 2.12 14.01
N LEU C 98 -8.17 0.85 14.37
CA LEU C 98 -7.07 -0.09 14.56
C LEU C 98 -7.12 -1.14 13.46
N ALA C 99 -5.95 -1.55 13.00
CA ALA C 99 -5.79 -2.70 12.11
C ALA C 99 -5.14 -3.79 12.93
N VAL C 100 -5.94 -4.76 13.39
CA VAL C 100 -5.51 -5.72 14.38
C VAL C 100 -5.31 -7.08 13.72
N SER C 101 -4.22 -7.75 14.09
CA SER C 101 -3.92 -9.10 13.62
C SER C 101 -4.63 -10.13 14.49
N SER C 102 -5.11 -11.19 13.86
CA SER C 102 -5.77 -12.27 14.60
CA SER C 102 -5.78 -12.25 14.63
C SER C 102 -4.84 -12.98 15.56
N LEU C 103 -3.52 -12.83 15.40
CA LEU C 103 -2.56 -13.49 16.27
C LEU C 103 -2.09 -12.62 17.43
N ALA C 104 -2.50 -11.36 17.49
CA ALA C 104 -2.01 -10.46 18.53
C ALA C 104 -2.76 -10.71 19.83
N VAL C 105 -2.05 -10.51 20.95
CA VAL C 105 -2.68 -10.67 22.26
C VAL C 105 -3.83 -9.68 22.44
N HIS C 106 -3.63 -8.42 22.05
CA HIS C 106 -4.69 -7.44 22.27
C HIS C 106 -5.92 -7.70 21.41
N THR C 107 -5.79 -8.40 20.29
CA THR C 107 -6.98 -8.76 19.52
C THR C 107 -7.85 -9.74 20.28
N LYS C 108 -7.24 -10.80 20.81
CA LYS C 108 -7.98 -11.75 21.63
C LYS C 108 -8.59 -11.07 22.84
N ASP C 109 -7.88 -10.12 23.44
CA ASP C 109 -8.45 -9.36 24.56
C ASP C 109 -9.73 -8.64 24.13
N LEU C 110 -9.65 -7.90 23.01
CA LEU C 110 -10.78 -7.08 22.58
C LEU C 110 -11.97 -7.92 22.15
N LEU C 111 -11.74 -9.10 21.58
CA LEU C 111 -12.86 -9.96 21.20
C LEU C 111 -13.54 -10.56 22.42
N ALA C 112 -12.79 -10.80 23.50
CA ALA C 112 -13.40 -11.30 24.72
C ALA C 112 -14.06 -10.19 25.53
N ASN C 113 -13.53 -8.97 25.46
CA ASN C 113 -14.08 -7.82 26.16
C ASN C 113 -13.74 -6.56 25.35
N PRO C 114 -14.72 -5.92 24.73
CA PRO C 114 -14.42 -4.77 23.85
C PRO C 114 -14.10 -3.48 24.59
N LYS C 115 -14.28 -3.42 25.90
CA LYS C 115 -14.04 -2.20 26.65
C LYS C 115 -12.53 -2.00 26.81
N CYS C 116 -12.06 -0.83 26.38
CA CYS C 116 -10.63 -0.59 26.30
C CYS C 116 -10.39 0.91 26.46
N SER C 117 -9.13 1.29 26.46
CA SER C 117 -8.77 2.70 26.44
C SER C 117 -7.51 2.89 25.63
N LEU C 118 -7.31 4.11 25.15
CA LEU C 118 -6.21 4.47 24.28
C LEU C 118 -5.51 5.68 24.87
N LEU C 119 -4.22 5.56 25.18
CA LEU C 119 -3.44 6.64 25.76
C LEU C 119 -2.56 7.28 24.69
N ILE C 120 -2.72 8.59 24.51
CA ILE C 120 -2.01 9.36 23.50
C ILE C 120 -1.15 10.42 24.20
N ALA C 121 0.11 10.51 23.81
CA ALA C 121 1.06 11.50 24.33
C ALA C 121 1.50 12.40 23.19
N ARG C 122 1.12 13.68 23.26
CA ARG C 122 1.48 14.64 22.22
C ARG C 122 2.97 14.65 21.97
N ASP C 123 3.77 14.79 23.04
CA ASP C 123 5.23 14.68 22.98
C ASP C 123 5.62 13.57 23.95
N PRO C 124 5.72 12.32 23.46
CA PRO C 124 5.88 11.18 24.38
C PRO C 124 6.99 11.32 25.39
N GLU C 125 8.09 12.00 25.04
CA GLU C 125 9.20 12.16 25.99
C GLU C 125 9.01 13.34 26.93
N ASP C 126 8.18 14.32 26.57
CA ASP C 126 7.89 15.43 27.45
C ASP C 126 6.96 14.99 28.57
N ARG C 127 7.45 15.02 29.80
CA ARG C 127 6.66 14.57 30.94
C ARG C 127 5.64 15.61 31.41
N THR C 128 5.79 16.86 31.00
CA THR C 128 4.81 17.89 31.28
C THR C 128 3.81 18.09 30.14
N GLY C 129 3.90 17.28 29.09
CA GLY C 129 3.06 17.46 27.93
C GLY C 129 1.61 17.08 28.17
N LEU C 130 0.82 17.27 27.12
CA LEU C 130 -0.58 16.88 27.11
C LEU C 130 -0.68 15.36 26.97
N ARG C 131 -1.53 14.74 27.78
CA ARG C 131 -1.78 13.31 27.69
C ARG C 131 -3.28 13.06 27.66
N ILE C 132 -3.71 12.23 26.71
CA ILE C 132 -5.13 11.98 26.46
C ILE C 132 -5.41 10.50 26.60
N THR C 133 -6.48 10.17 27.32
CA THR C 133 -6.97 8.80 27.42
C THR C 133 -8.39 8.76 26.87
N LEU C 134 -8.57 8.00 25.81
CA LEU C 134 -9.89 7.79 25.21
C LEU C 134 -10.39 6.42 25.62
N HIS C 135 -11.52 6.39 26.32
CA HIS C 135 -12.15 5.13 26.72
C HIS C 135 -13.31 4.81 25.79
N GLY C 136 -13.42 3.55 25.39
CA GLY C 136 -14.50 3.17 24.51
C GLY C 136 -14.61 1.68 24.29
N ASP C 137 -15.36 1.32 23.26
CA ASP C 137 -15.67 -0.07 22.96
C ASP C 137 -15.19 -0.40 21.54
N ALA C 138 -14.34 -1.42 21.43
CA ALA C 138 -13.81 -1.82 20.13
C ALA C 138 -14.87 -2.61 19.36
N VAL C 139 -15.19 -2.15 18.16
CA VAL C 139 -16.22 -2.73 17.31
C VAL C 139 -15.61 -3.08 15.97
N LEU C 140 -15.88 -4.28 15.47
CA LEU C 140 -15.46 -4.66 14.13
C LEU C 140 -16.13 -3.73 13.11
N VAL C 141 -15.36 -3.27 12.14
CA VAL C 141 -15.88 -2.37 11.12
C VAL C 141 -16.71 -3.17 10.12
N SER C 142 -17.89 -2.64 9.77
CA SER C 142 -18.78 -3.32 8.85
C SER C 142 -18.20 -3.33 7.44
N GLU C 143 -18.79 -4.16 6.57
CA GLU C 143 -18.31 -4.27 5.19
C GLU C 143 -18.54 -2.97 4.42
N LYS C 144 -19.65 -2.30 4.67
CA LYS C 144 -19.94 -1.04 3.98
C LYS C 144 -18.91 0.03 4.30
N ASP C 145 -18.37 0.04 5.52
CA ASP C 145 -17.44 1.09 5.95
C ASP C 145 -15.98 0.76 5.68
N GLN C 146 -15.68 -0.43 5.14
CA GLN C 146 -14.30 -0.84 4.95
C GLN C 146 -13.51 0.19 4.15
N ALA C 147 -14.08 0.69 3.07
CA ALA C 147 -13.35 1.56 2.16
C ALA C 147 -12.98 2.88 2.81
N ALA C 148 -13.93 3.52 3.49
CA ALA C 148 -13.64 4.80 4.16
C ALA C 148 -12.65 4.61 5.30
N VAL C 149 -12.79 3.50 6.03
CA VAL C 149 -11.89 3.23 7.14
C VAL C 149 -10.47 2.97 6.63
N ARG C 150 -10.34 2.18 5.54
CA ARG C 150 -9.04 1.86 4.97
C ARG C 150 -8.28 3.10 4.52
N SER C 151 -8.98 4.06 3.89
CA SER C 151 -8.30 5.26 3.44
C SER C 151 -7.92 6.17 4.62
N ALA C 152 -8.78 6.28 5.64
CA ALA C 152 -8.40 7.04 6.84
C ALA C 152 -7.17 6.44 7.52
N TYR C 153 -7.08 5.11 7.58
CA TYR C 153 -5.94 4.47 8.22
C TYR C 153 -4.68 4.64 7.40
N LEU C 154 -4.78 4.42 6.09
CA LEU C 154 -3.61 4.56 5.24
C LEU C 154 -3.17 6.01 5.08
N ALA C 155 -4.07 6.97 5.28
CA ALA C 155 -3.65 8.36 5.27
C ALA C 155 -2.61 8.62 6.35
N LYS C 156 -2.71 7.93 7.49
CA LYS C 156 -1.75 8.08 8.58
C LYS C 156 -0.62 7.07 8.52
N HIS C 157 -0.83 5.93 7.88
CA HIS C 157 0.17 4.87 7.76
C HIS C 157 0.24 4.49 6.30
N PRO C 158 0.88 5.33 5.48
CA PRO C 158 0.80 5.14 4.03
C PRO C 158 1.41 3.84 3.52
N LYS C 159 2.33 3.23 4.27
CA LYS C 159 3.00 2.01 3.82
C LYS C 159 2.45 0.75 4.46
N ALA C 160 1.29 0.83 5.13
CA ALA C 160 0.76 -0.32 5.87
C ALA C 160 0.04 -1.27 4.91
N PHE C 161 0.84 -1.89 4.04
CA PHE C 161 0.31 -2.78 3.02
C PHE C 161 -0.44 -3.97 3.63
N TRP C 162 -0.06 -4.38 4.84
CA TRP C 162 -0.58 -5.61 5.43
C TRP C 162 -2.06 -5.53 5.78
N VAL C 163 -2.66 -4.34 5.80
CA VAL C 163 -4.05 -4.21 6.20
C VAL C 163 -4.99 -5.01 5.30
N ASP C 164 -4.53 -5.39 4.11
CA ASP C 164 -5.31 -6.18 3.17
C ASP C 164 -5.22 -7.68 3.41
N PHE C 165 -4.26 -8.13 4.21
CA PHE C 165 -4.08 -9.55 4.46
C PHE C 165 -5.29 -10.11 5.19
N GLY C 166 -5.48 -11.42 5.08
CA GLY C 166 -6.58 -12.07 5.76
C GLY C 166 -6.43 -12.06 7.27
N ASP C 167 -5.18 -11.99 7.74
CA ASP C 167 -4.91 -11.97 9.18
C ASP C 167 -5.35 -10.68 9.84
N PHE C 168 -5.59 -9.61 9.08
CA PHE C 168 -5.86 -8.30 9.64
C PHE C 168 -7.31 -7.88 9.41
N SER C 169 -7.89 -7.23 10.42
CA SER C 169 -9.20 -6.64 10.31
C SER C 169 -9.15 -5.26 10.93
N PHE C 170 -10.03 -4.38 10.46
CA PHE C 170 -10.15 -3.05 11.04
C PHE C 170 -11.12 -3.10 12.21
N MET C 171 -10.74 -2.47 13.31
CA MET C 171 -11.66 -2.25 14.42
C MET C 171 -11.68 -0.76 14.73
N ARG C 172 -12.81 -0.30 15.26
CA ARG C 172 -12.98 1.09 15.62
C ARG C 172 -13.34 1.20 17.09
N ILE C 173 -12.64 2.06 17.82
CA ILE C 173 -12.95 2.32 19.22
C ILE C 173 -14.02 3.41 19.26
N GLU C 174 -15.25 3.02 19.51
CA GLU C 174 -16.33 4.00 19.67
C GLU C 174 -16.18 4.67 21.02
N PRO C 175 -15.94 5.98 21.08
CA PRO C 175 -15.61 6.61 22.36
C PRO C 175 -16.80 6.65 23.31
N LYS C 176 -16.49 6.42 24.59
CA LYS C 176 -17.39 6.66 25.71
C LYS C 176 -17.09 7.98 26.40
N VAL C 177 -15.81 8.25 26.68
CA VAL C 177 -15.39 9.47 27.34
C VAL C 177 -13.94 9.71 26.94
N VAL C 178 -13.59 10.99 26.77
CA VAL C 178 -12.22 11.38 26.45
C VAL C 178 -11.70 12.26 27.57
N ARG C 179 -10.68 11.79 28.28
CA ARG C 179 -10.10 12.52 29.40
C ARG C 179 -8.67 12.93 29.05
N TYR C 180 -8.25 14.07 29.60
CA TYR C 180 -6.90 14.56 29.35
C TYR C 180 -6.31 15.12 30.64
N VAL C 181 -4.97 15.17 30.65
CA VAL C 181 -4.20 15.82 31.70
C VAL C 181 -3.05 16.55 31.02
N SER C 182 -2.63 17.67 31.60
CA SER C 182 -1.59 18.50 31.00
C SER C 182 -0.76 19.16 32.09
N GLY C 183 0.55 19.24 31.85
CA GLY C 183 1.46 19.88 32.77
C GLY C 183 1.50 19.21 34.14
N VAL C 184 1.78 17.91 34.16
CA VAL C 184 1.73 17.15 35.40
C VAL C 184 2.87 17.59 36.31
N ALA C 185 2.55 17.83 37.58
CA ALA C 185 3.52 18.26 38.59
C ALA C 185 4.29 19.50 38.12
N THR C 186 3.53 20.46 37.58
CA THR C 186 4.08 21.72 37.10
C THR C 186 3.13 22.81 37.57
N ALA C 187 3.52 24.07 37.37
CA ALA C 187 2.65 25.15 37.79
C ALA C 187 1.36 25.19 36.99
N PHE C 188 1.39 24.70 35.75
CA PHE C 188 0.23 24.79 34.85
C PHE C 188 -0.47 23.42 34.69
N LEU C 189 -0.91 22.85 35.81
CA LEU C 189 -1.62 21.58 35.79
C LEU C 189 -3.09 21.79 35.42
N GLY C 190 -3.55 21.09 34.39
CA GLY C 190 -4.94 21.17 33.97
C GLY C 190 -5.47 19.80 33.59
N SER C 191 -6.79 19.64 33.73
CA SER C 191 -7.43 18.37 33.41
CA SER C 191 -7.45 18.37 33.46
C SER C 191 -8.89 18.62 33.02
N GLY C 192 -9.52 17.57 32.52
CA GLY C 192 -10.91 17.64 32.12
C GLY C 192 -11.28 16.40 31.32
N GLU C 193 -12.57 16.32 30.97
CA GLU C 193 -13.07 15.20 30.20
C GLU C 193 -14.21 15.65 29.30
N PHE C 194 -14.43 14.89 28.23
CA PHE C 194 -15.46 15.21 27.25
C PHE C 194 -16.26 13.96 26.94
N SER C 195 -17.58 14.14 26.83
CA SER C 195 -18.45 13.06 26.40
C SER C 195 -18.18 12.73 24.93
N LYS C 196 -18.74 11.61 24.50
CA LYS C 196 -18.68 11.26 23.09
C LYS C 196 -19.26 12.35 22.21
N GLU C 197 -20.38 12.93 22.64
CA GLU C 197 -21.04 13.96 21.83
C GLU C 197 -20.21 15.24 21.77
N GLU C 198 -19.68 15.68 22.90
CA GLU C 198 -18.85 16.89 22.91
C GLU C 198 -17.61 16.69 22.05
N TYR C 199 -16.98 15.52 22.17
CA TYR C 199 -15.76 15.27 21.41
C TYR C 199 -16.02 15.23 19.91
N GLN C 200 -17.06 14.52 19.48
CA GLN C 200 -17.30 14.37 18.04
C GLN C 200 -17.73 15.68 17.38
N ALA C 201 -18.42 16.54 18.12
CA ALA C 201 -18.90 17.80 17.54
C ALA C 201 -17.75 18.79 17.32
N ALA C 202 -16.67 18.68 18.09
CA ALA C 202 -15.54 19.57 17.90
C ALA C 202 -14.87 19.32 16.55
N LYS C 203 -14.34 20.38 15.98
CA LYS C 203 -13.67 20.31 14.68
C LYS C 203 -12.16 20.21 14.87
N VAL C 204 -11.52 19.44 13.99
CA VAL C 204 -10.06 19.40 13.93
C VAL C 204 -9.56 20.71 13.35
N ASP C 205 -8.63 21.35 14.05
CA ASP C 205 -8.11 22.62 13.56
C ASP C 205 -7.47 22.41 12.18
N PRO C 206 -7.87 23.18 11.17
CA PRO C 206 -7.40 22.91 9.81
C PRO C 206 -5.98 23.38 9.52
N ILE C 207 -5.33 24.10 10.44
CA ILE C 207 -3.97 24.55 10.20
C ILE C 207 -2.93 23.63 10.82
N ALA C 208 -3.31 22.81 11.82
CA ALA C 208 -2.36 21.97 12.52
C ALA C 208 -1.68 20.97 11.58
N GLN C 209 -2.35 20.59 10.49
CA GLN C 209 -1.76 19.64 9.55
C GLN C 209 -0.42 20.12 8.99
N TYR C 210 -0.20 21.43 8.98
CA TYR C 210 1.03 22.01 8.47
C TYR C 210 2.10 22.16 9.54
N ALA C 211 1.92 21.52 10.71
CA ALA C 211 2.84 21.76 11.82
C ALA C 211 4.25 21.29 11.52
N LYS C 212 4.40 20.10 10.93
CA LYS C 212 5.74 19.56 10.70
C LYS C 212 6.57 20.44 9.77
N PRO C 213 6.11 20.80 8.56
CA PRO C 213 6.95 21.66 7.71
C PRO C 213 7.26 23.02 8.31
N VAL C 214 6.28 23.67 8.94
CA VAL C 214 6.52 25.00 9.50
C VAL C 214 7.51 24.93 10.66
N THR C 215 7.36 23.94 11.53
CA THR C 215 8.28 23.81 12.66
C THR C 215 9.69 23.43 12.19
N SER C 216 9.80 22.70 11.07
CA SER C 216 11.12 22.34 10.56
C SER C 216 11.86 23.56 10.04
N HIS C 217 11.22 24.32 9.12
CA HIS C 217 11.85 25.50 8.54
C HIS C 217 12.25 26.52 9.61
N MET C 218 11.48 26.63 10.69
CA MET C 218 11.78 27.62 11.70
C MET C 218 12.82 27.13 12.70
N ASN C 219 12.69 25.89 13.17
CA ASN C 219 13.59 25.42 14.22
C ASN C 219 15.00 25.20 13.71
N LYS C 220 15.15 24.82 12.44
CA LYS C 220 16.48 24.55 11.88
C LYS C 220 17.16 25.82 11.37
N ASP C 221 16.46 26.63 10.59
CA ASP C 221 17.09 27.73 9.89
C ASP C 221 16.82 29.11 10.50
N HIS C 222 15.71 29.28 11.22
CA HIS C 222 15.28 30.61 11.63
C HIS C 222 14.92 30.65 13.11
N GLU C 223 15.67 29.94 13.95
CA GLU C 223 15.40 29.97 15.39
C GLU C 223 15.66 31.35 15.98
N GLU C 224 16.48 32.18 15.32
CA GLU C 224 16.67 33.54 15.79
C GLU C 224 15.39 34.36 15.60
N ASP C 225 14.66 34.12 14.52
CA ASP C 225 13.37 34.79 14.33
C ASP C 225 12.39 34.39 15.41
N THR C 226 12.32 33.09 15.73
CA THR C 226 11.40 32.63 16.77
C THR C 226 11.74 33.24 18.12
N LYS C 227 13.03 33.36 18.43
CA LYS C 227 13.43 33.94 19.70
C LYS C 227 13.03 35.41 19.79
N ALA C 228 13.14 36.14 18.68
CA ALA C 228 12.75 37.54 18.67
C ALA C 228 11.24 37.69 18.87
N ILE C 229 10.45 36.89 18.16
CA ILE C 229 9.00 36.95 18.28
C ILE C 229 8.57 36.65 19.71
N VAL C 230 9.14 35.59 20.30
CA VAL C 230 8.77 35.22 21.66
C VAL C 230 9.12 36.34 22.63
N HIS C 231 10.31 36.92 22.48
CA HIS C 231 10.69 38.05 23.34
C HIS C 231 9.78 39.23 23.13
N ASN C 232 9.38 39.49 21.88
CA ASN C 232 8.57 40.66 21.57
C ASN C 232 7.19 40.57 22.21
N ILE C 233 6.60 39.37 22.26
CA ILE C 233 5.23 39.21 22.71
C ILE C 233 5.15 39.05 24.23
N THR C 234 6.02 38.23 24.81
CA THR C 234 5.94 37.93 26.24
C THR C 234 6.80 38.86 27.09
N SER C 235 7.67 39.66 26.46
CA SER C 235 8.61 40.52 27.18
C SER C 235 9.58 39.70 28.03
N ILE C 236 9.92 38.51 27.55
CA ILE C 236 10.85 37.60 28.22
C ILE C 236 12.11 37.50 27.37
N PRO C 237 13.29 37.83 27.91
CA PRO C 237 14.52 37.73 27.11
C PRO C 237 14.94 36.29 26.88
N VAL C 238 14.24 35.62 25.97
CA VAL C 238 14.43 34.19 25.77
C VAL C 238 15.78 33.92 25.10
N GLU C 239 16.49 32.92 25.63
CA GLU C 239 17.76 32.51 25.05
C GLU C 239 17.59 31.57 23.87
N SER C 240 16.60 30.68 23.93
CA SER C 240 16.33 29.74 22.86
C SER C 240 14.83 29.50 22.78
N ALA C 241 14.32 29.29 21.57
CA ALA C 241 12.90 29.07 21.36
C ALA C 241 12.71 27.98 20.31
N LEU C 242 12.22 26.82 20.74
CA LEU C 242 12.01 25.68 19.85
C LEU C 242 10.52 25.54 19.57
N MET C 243 10.14 25.67 18.30
CA MET C 243 8.74 25.58 17.91
C MET C 243 8.26 24.13 18.01
N LEU C 244 7.21 23.91 18.80
CA LEU C 244 6.69 22.56 19.05
C LEU C 244 5.58 22.16 18.09
N ASP C 245 4.48 22.91 18.08
CA ASP C 245 3.29 22.55 17.31
C ASP C 245 2.78 23.79 16.60
N LEU C 246 1.57 23.69 16.04
CA LEU C 246 0.99 24.77 15.25
C LEU C 246 -0.52 24.59 15.19
N ASP C 247 -1.25 25.69 15.29
CA ASP C 247 -2.67 25.69 14.99
C ASP C 247 -3.04 27.03 14.37
N SER C 248 -4.32 27.19 14.05
CA SER C 248 -4.78 28.39 13.37
C SER C 248 -4.69 29.64 14.25
N LEU C 249 -4.50 29.49 15.55
CA LEU C 249 -4.42 30.64 16.46
C LEU C 249 -3.00 30.96 16.89
N GLY C 250 -2.02 30.17 16.51
CA GLY C 250 -0.65 30.42 16.92
C GLY C 250 0.10 29.12 17.09
N PHE C 251 1.20 29.20 17.84
CA PHE C 251 2.05 28.03 18.08
C PHE C 251 2.63 28.10 19.48
N ASN C 252 3.07 26.93 19.96
CA ASN C 252 3.77 26.80 21.23
C ASN C 252 5.26 26.60 20.99
N VAL C 253 6.07 27.03 21.95
CA VAL C 253 7.51 26.90 21.86
C VAL C 253 8.05 26.34 23.16
N LYS C 254 9.17 25.63 23.06
CA LYS C 254 9.99 25.28 24.21
C LYS C 254 11.10 26.31 24.32
N ALA C 255 11.11 27.06 25.43
CA ALA C 255 12.04 28.16 25.60
C ALA C 255 12.87 27.97 26.86
N THR C 256 14.04 28.59 26.87
CA THR C 256 14.99 28.51 27.98
C THR C 256 15.48 29.90 28.35
N LEU C 257 15.45 30.22 29.64
CA LEU C 257 16.01 31.46 30.16
C LEU C 257 16.69 31.17 31.48
N GLN C 258 18.01 31.35 31.52
CA GLN C 258 18.83 31.01 32.70
C GLN C 258 18.67 29.53 33.07
N THR C 261 14.12 25.63 31.21
CA THR C 261 13.30 25.27 30.06
C THR C 261 11.82 25.29 30.41
N PHE C 262 11.02 25.92 29.54
CA PHE C 262 9.59 26.08 29.77
C PHE C 262 8.90 26.27 28.43
N LYS C 263 7.58 26.07 28.44
CA LYS C 263 6.76 26.20 27.25
C LYS C 263 6.01 27.52 27.25
N LEU C 264 5.93 28.15 26.08
CA LEU C 264 5.25 29.43 25.90
C LEU C 264 4.31 29.39 24.71
N ARG C 265 3.11 29.93 24.89
CA ARG C 265 2.13 30.05 23.81
C ARG C 265 2.36 31.36 23.06
N VAL C 266 2.52 31.26 21.74
CA VAL C 266 2.73 32.45 20.90
C VAL C 266 1.54 32.61 19.97
N PRO C 267 0.56 33.43 20.33
CA PRO C 267 -0.62 33.57 19.47
C PRO C 267 -0.36 34.51 18.29
N PHE C 268 -0.96 34.17 17.16
CA PHE C 268 -0.94 35.05 16.01
C PHE C 268 -1.75 36.31 16.29
N PRO C 269 -1.48 37.41 15.58
CA PRO C 269 -2.36 38.58 15.70
C PRO C 269 -3.76 38.33 15.16
N ARG C 270 -3.95 37.27 14.38
CA ARG C 270 -5.26 36.87 13.92
C ARG C 270 -5.19 35.43 13.46
N ARG C 271 -6.35 34.82 13.22
CA ARG C 271 -6.42 33.43 12.82
C ARG C 271 -5.80 33.23 11.45
N ALA C 272 -4.97 32.20 11.32
CA ALA C 272 -4.37 31.85 10.04
C ALA C 272 -5.40 31.13 9.17
N GLN C 273 -5.42 31.49 7.88
CA GLN C 273 -6.42 30.97 6.96
C GLN C 273 -5.96 29.75 6.18
N ASP C 274 -4.66 29.63 5.92
CA ASP C 274 -4.16 28.52 5.12
C ASP C 274 -2.66 28.41 5.34
N ARG C 275 -2.03 27.51 4.57
CA ARG C 275 -0.61 27.23 4.70
C ARG C 275 0.21 28.51 4.53
N LYS C 276 -0.02 29.24 3.45
CA LYS C 276 0.74 30.45 3.19
C LYS C 276 0.47 31.52 4.25
N ASP C 277 -0.77 31.61 4.73
CA ASP C 277 -1.12 32.62 5.72
C ASP C 277 -0.29 32.48 6.99
N VAL C 278 0.09 31.25 7.34
CA VAL C 278 0.96 31.05 8.50
C VAL C 278 2.31 31.72 8.27
N LYS C 279 2.86 31.57 7.07
CA LYS C 279 4.13 32.23 6.76
C LYS C 279 3.97 33.75 6.76
N THR C 280 2.89 34.24 6.16
CA THR C 280 2.63 35.68 6.17
C THR C 280 2.57 36.21 7.60
N LEU C 281 1.89 35.50 8.50
CA LEU C 281 1.73 35.99 9.87
C LEU C 281 3.04 35.91 10.64
N ILE C 282 3.84 34.87 10.42
CA ILE C 282 5.12 34.79 11.11
C ILE C 282 6.03 35.92 10.68
N VAL C 283 6.10 36.19 9.38
CA VAL C 283 6.89 37.31 8.88
C VAL C 283 6.37 38.62 9.45
N GLU C 284 5.05 38.77 9.53
CA GLU C 284 4.45 39.97 10.12
C GLU C 284 4.85 40.12 11.59
N MET C 285 4.87 39.01 12.34
CA MET C 285 5.25 39.08 13.74
C MET C 285 6.73 39.36 13.92
N LEU C 286 7.56 38.89 12.98
CA LEU C 286 8.98 39.18 13.07
C LEU C 286 9.26 40.66 12.84
N GLN C 287 8.61 41.26 11.83
CA GLN C 287 8.80 42.67 11.54
C GLN C 287 8.52 43.54 12.77
N ALA C 288 7.46 43.23 13.50
CA ALA C 288 7.15 43.97 14.72
C ALA C 288 8.23 43.77 15.78
N PHE D 39 20.59 -11.17 3.36
CA PHE D 39 19.27 -11.41 3.93
C PHE D 39 19.20 -12.78 4.59
N LYS D 40 19.80 -13.78 3.95
CA LYS D 40 19.85 -15.12 4.53
C LYS D 40 20.99 -15.26 5.53
N LEU D 41 22.04 -14.44 5.38
CA LEU D 41 23.16 -14.49 6.31
C LEU D 41 22.78 -13.90 7.66
N ILE D 42 21.96 -12.85 7.66
CA ILE D 42 21.53 -12.22 8.91
C ILE D 42 20.81 -13.21 9.80
N GLN D 43 19.83 -13.93 9.23
CA GLN D 43 19.02 -14.84 10.04
C GLN D 43 19.86 -15.96 10.64
N ALA D 44 20.81 -16.49 9.87
CA ALA D 44 21.63 -17.59 10.38
C ALA D 44 22.58 -17.11 11.48
N HIS D 45 23.09 -15.89 11.35
CA HIS D 45 23.97 -15.35 12.38
C HIS D 45 23.20 -15.04 13.66
N GLU D 46 22.01 -14.46 13.53
CA GLU D 46 21.24 -14.08 14.71
C GLU D 46 20.83 -15.28 15.52
N GLU D 47 20.55 -16.41 14.87
CA GLU D 47 20.12 -17.60 15.59
C GLU D 47 21.25 -18.26 16.38
N LYS D 48 22.51 -17.98 16.02
CA LYS D 48 23.65 -18.62 16.65
C LYS D 48 24.39 -17.71 17.63
N ALA D 49 24.24 -16.40 17.50
CA ALA D 49 25.03 -15.47 18.31
C ALA D 49 24.70 -15.60 19.79
N ALA D 50 25.73 -15.57 20.62
CA ALA D 50 25.55 -15.65 22.06
C ALA D 50 24.80 -14.43 22.57
N ARG D 51 23.84 -14.65 23.46
CA ARG D 51 23.08 -13.56 24.07
C ARG D 51 22.51 -14.05 25.39
N LEU D 52 22.07 -13.11 26.21
CA LEU D 52 21.45 -13.47 27.48
C LEU D 52 20.26 -14.39 27.24
N SER D 53 19.99 -15.25 28.22
CA SER D 53 18.78 -16.06 28.15
C SER D 53 17.56 -15.14 28.15
N PRO D 54 16.41 -15.62 27.67
CA PRO D 54 15.22 -14.74 27.64
C PRO D 54 14.88 -14.11 28.99
N VAL D 55 14.85 -14.89 30.07
CA VAL D 55 14.42 -14.32 31.34
C VAL D 55 15.46 -13.32 31.85
N GLU D 56 16.75 -13.54 31.59
CA GLU D 56 17.77 -12.61 32.02
C GLU D 56 17.74 -11.33 31.21
N GLU D 57 17.42 -11.45 29.90
CA GLU D 57 17.26 -10.27 29.07
C GLU D 57 16.11 -9.39 29.58
N ILE D 58 14.95 -10.00 29.82
CA ILE D 58 13.79 -9.25 30.31
C ILE D 58 14.07 -8.69 31.70
N ARG D 59 14.69 -9.49 32.57
CA ARG D 59 15.07 -9.00 33.90
C ARG D 59 16.00 -7.79 33.77
N THR D 60 16.94 -7.84 32.82
CA THR D 60 17.93 -6.78 32.66
C THR D 60 17.31 -5.53 32.04
N VAL D 61 16.49 -5.69 31.00
CA VAL D 61 15.87 -4.54 30.35
C VAL D 61 14.90 -3.85 31.30
N LEU D 62 14.10 -4.63 32.04
CA LEU D 62 13.17 -4.02 32.99
C LEU D 62 13.90 -3.24 34.06
N ASN D 63 15.00 -3.80 34.59
CA ASN D 63 15.75 -3.11 35.63
C ASN D 63 16.36 -1.81 35.13
N GLY D 64 16.73 -1.74 33.85
CA GLY D 64 17.27 -0.52 33.31
C GLY D 64 16.25 0.53 32.91
N SER D 65 14.97 0.17 32.89
CA SER D 65 13.94 1.10 32.49
C SER D 65 13.44 1.91 33.67
N ILE D 66 13.05 3.16 33.39
CA ILE D 66 12.65 4.10 34.43
C ILE D 66 11.28 4.71 34.17
N CYS D 67 10.62 4.37 33.07
CA CYS D 67 9.31 4.94 32.75
CA CYS D 67 9.29 4.89 32.83
C CYS D 67 8.54 3.92 31.93
N GLY D 68 7.22 3.99 32.01
CA GLY D 68 6.40 3.07 31.25
C GLY D 68 4.94 3.46 31.30
N MET D 69 4.09 2.58 30.76
CA MET D 69 2.66 2.84 30.67
CA MET D 69 2.66 2.83 30.64
C MET D 69 1.92 1.89 31.59
N LEU D 70 1.16 2.48 32.51
CA LEU D 70 0.42 1.73 33.53
C LEU D 70 -1.02 1.57 33.08
N SER D 71 -1.50 0.33 33.00
CA SER D 71 -2.91 0.02 32.78
C SER D 71 -3.56 -0.33 34.10
N THR D 72 -4.72 0.27 34.37
CA THR D 72 -5.47 0.05 35.60
C THR D 72 -6.93 -0.25 35.27
N PHE D 73 -7.69 -0.62 36.31
CA PHE D 73 -9.14 -0.53 36.26
C PHE D 73 -9.53 0.92 36.51
N SER D 74 -10.35 1.49 35.65
CA SER D 74 -10.79 2.86 35.86
C SER D 74 -11.76 2.90 37.03
N GLN D 75 -11.40 3.66 38.07
CA GLN D 75 -12.31 3.83 39.19
C GLN D 75 -13.55 4.63 38.79
N LYS D 76 -13.37 5.67 37.96
CA LYS D 76 -14.51 6.51 37.62
C LYS D 76 -15.39 5.89 36.53
N TYR D 77 -14.79 5.29 35.49
CA TYR D 77 -15.55 4.73 34.38
C TYR D 77 -15.64 3.23 34.56
N GLU D 78 -16.65 2.79 35.31
CA GLU D 78 -16.76 1.38 35.69
C GLU D 78 -16.89 0.49 34.47
N GLY D 79 -16.12 -0.58 34.45
CA GLY D 79 -16.07 -1.50 33.32
C GLY D 79 -14.96 -1.23 32.32
N TYR D 80 -14.26 -0.10 32.43
CA TYR D 80 -13.22 0.24 31.48
C TYR D 80 -11.85 0.18 32.11
N PRO D 81 -10.83 -0.22 31.35
CA PRO D 81 -9.44 -0.03 31.80
C PRO D 81 -8.99 1.39 31.51
N SER D 82 -7.81 1.72 31.99
CA SER D 82 -7.30 3.07 31.83
C SER D 82 -5.78 3.03 31.73
N GLY D 83 -5.22 3.98 31.00
CA GLY D 83 -3.78 4.05 30.80
C GLY D 83 -3.21 5.39 31.25
N SER D 84 -1.96 5.35 31.71
CA SER D 84 -1.26 6.56 32.09
C SER D 84 0.24 6.30 32.04
N MET D 85 1.00 7.38 31.89
CA MET D 85 2.46 7.31 31.98
C MET D 85 2.91 7.38 33.43
N VAL D 86 3.85 6.53 33.81
CA VAL D 86 4.40 6.55 35.17
C VAL D 86 5.91 6.38 35.12
N ASP D 87 6.61 7.11 35.98
CA ASP D 87 7.99 6.80 36.31
C ASP D 87 8.02 5.60 37.26
N PHE D 88 9.09 4.83 37.20
CA PHE D 88 9.26 3.73 38.15
C PHE D 88 10.72 3.37 38.28
N ALA D 89 11.00 2.52 39.27
CA ALA D 89 12.33 1.95 39.47
C ALA D 89 12.16 0.56 40.06
N CYS D 90 12.80 -0.43 39.45
CA CYS D 90 12.74 -1.78 40.00
C CYS D 90 13.49 -1.85 41.33
N ASP D 91 12.92 -2.56 42.29
CA ASP D 91 13.66 -2.88 43.49
C ASP D 91 14.61 -4.05 43.20
N ALA D 92 15.30 -4.53 44.24
CA ALA D 92 16.31 -5.56 44.05
C ALA D 92 15.71 -6.85 43.49
N ASP D 93 14.44 -7.11 43.75
CA ASP D 93 13.75 -8.29 43.22
C ASP D 93 13.15 -8.08 41.84
N GLY D 94 13.28 -6.89 41.25
CA GLY D 94 12.66 -6.59 39.97
C GLY D 94 11.24 -6.06 40.04
N SER D 95 10.74 -5.72 41.23
CA SER D 95 9.38 -5.21 41.35
C SER D 95 9.37 -3.71 41.12
N PRO D 96 8.58 -3.21 40.18
CA PRO D 96 8.56 -1.76 39.93
C PRO D 96 8.04 -0.99 41.14
N ILE D 97 8.79 0.05 41.51
CA ILE D 97 8.41 0.96 42.57
C ILE D 97 7.84 2.23 41.93
N LEU D 98 6.65 2.62 42.36
CA LEU D 98 5.98 3.82 41.89
C LEU D 98 5.91 4.85 43.02
N ALA D 99 6.10 6.12 42.68
CA ALA D 99 5.84 7.23 43.60
C ALA D 99 4.62 7.95 43.05
N VAL D 100 3.46 7.70 43.65
CA VAL D 100 2.19 8.12 43.09
C VAL D 100 1.64 9.29 43.90
N SER D 101 1.10 10.28 43.21
CA SER D 101 0.46 11.43 43.84
C SER D 101 -0.99 11.10 44.16
N SER D 102 -1.41 11.42 45.39
CA SER D 102 -2.79 11.18 45.81
C SER D 102 -3.80 11.92 44.94
N LEU D 103 -3.38 12.90 44.16
CA LEU D 103 -4.27 13.63 43.27
C LEU D 103 -4.31 13.07 41.86
N ALA D 104 -3.50 12.06 41.56
CA ALA D 104 -3.46 11.50 40.21
C ALA D 104 -4.61 10.53 39.99
N VAL D 105 -5.11 10.48 38.75
CA VAL D 105 -6.18 9.55 38.41
C VAL D 105 -5.73 8.11 38.64
N HIS D 106 -4.51 7.75 38.23
CA HIS D 106 -4.10 6.36 38.37
C HIS D 106 -3.91 5.96 39.83
N THR D 107 -3.68 6.92 40.72
CA THR D 107 -3.62 6.60 42.15
C THR D 107 -5.01 6.22 42.67
N LYS D 108 -6.03 7.01 42.34
CA LYS D 108 -7.38 6.63 42.73
C LYS D 108 -7.78 5.28 42.13
N ASP D 109 -7.35 4.99 40.90
CA ASP D 109 -7.59 3.66 40.34
C ASP D 109 -6.95 2.58 41.21
N LEU D 110 -5.65 2.72 41.51
CA LEU D 110 -4.92 1.69 42.26
C LEU D 110 -5.42 1.54 43.68
N LEU D 111 -5.89 2.62 44.30
CA LEU D 111 -6.47 2.53 45.64
C LEU D 111 -7.84 1.86 45.62
N ALA D 112 -8.56 1.90 44.51
CA ALA D 112 -9.81 1.15 44.40
C ALA D 112 -9.57 -0.31 43.97
N ASN D 113 -8.56 -0.57 43.15
CA ASN D 113 -8.23 -1.90 42.67
C ASN D 113 -6.74 -1.96 42.32
N PRO D 114 -5.94 -2.72 43.07
CA PRO D 114 -4.48 -2.73 42.84
C PRO D 114 -4.04 -3.53 41.63
N LYS D 115 -4.93 -4.23 40.94
CA LYS D 115 -4.52 -5.04 39.81
C LYS D 115 -4.19 -4.16 38.61
N CYS D 116 -2.99 -4.31 38.06
CA CYS D 116 -2.51 -3.41 37.03
C CYS D 116 -1.52 -4.12 36.12
N SER D 117 -1.06 -3.40 35.10
CA SER D 117 0.04 -3.87 34.26
C SER D 117 0.89 -2.66 33.90
N LEU D 118 2.14 -2.95 33.57
CA LEU D 118 3.15 -1.94 33.29
C LEU D 118 3.79 -2.33 31.97
N LEU D 119 3.68 -1.47 30.98
CA LEU D 119 4.22 -1.72 29.65
C LEU D 119 5.52 -0.95 29.48
N ILE D 120 6.56 -1.67 29.07
CA ILE D 120 7.91 -1.14 28.95
CA ILE D 120 7.92 -1.14 28.95
C ILE D 120 8.38 -1.34 27.52
N ALA D 121 8.99 -0.30 26.94
CA ALA D 121 9.53 -0.35 25.58
C ALA D 121 11.02 -0.03 25.68
N ARG D 122 11.85 -1.04 25.40
CA ARG D 122 13.30 -0.85 25.43
C ARG D 122 13.73 0.34 24.59
N ASP D 123 13.27 0.40 23.34
CA ASP D 123 13.49 1.54 22.44
C ASP D 123 12.12 2.02 22.02
N PRO D 124 11.54 2.99 22.74
CA PRO D 124 10.14 3.36 22.50
C PRO D 124 9.82 3.70 21.05
N GLU D 125 10.79 4.24 20.30
CA GLU D 125 10.55 4.61 18.90
C GLU D 125 10.71 3.44 17.94
N ASP D 126 11.48 2.41 18.31
CA ASP D 126 11.62 1.22 17.46
C ASP D 126 10.38 0.35 17.61
N ARG D 127 9.63 0.20 16.52
CA ARG D 127 8.41 -0.60 16.56
C ARG D 127 8.67 -2.09 16.50
N THR D 128 9.87 -2.50 16.10
CA THR D 128 10.27 -3.91 16.15
C THR D 128 11.00 -4.26 17.43
N GLY D 129 11.12 -3.31 18.35
CA GLY D 129 11.89 -3.54 19.56
C GLY D 129 11.20 -4.50 20.51
N LEU D 130 11.89 -4.75 21.62
CA LEU D 130 11.36 -5.57 22.68
C LEU D 130 10.34 -4.79 23.48
N ARG D 131 9.19 -5.40 23.75
CA ARG D 131 8.17 -4.79 24.59
C ARG D 131 7.77 -5.79 25.67
N ILE D 132 7.76 -5.31 26.91
CA ILE D 132 7.55 -6.15 28.09
C ILE D 132 6.30 -5.66 28.80
N THR D 133 5.40 -6.59 29.14
CA THR D 133 4.22 -6.27 29.94
C THR D 133 4.30 -7.05 31.24
N LEU D 134 4.43 -6.34 32.34
CA LEU D 134 4.47 -6.92 33.68
C LEU D 134 3.10 -6.73 34.32
N HIS D 135 2.42 -7.82 34.62
CA HIS D 135 1.13 -7.78 35.29
C HIS D 135 1.32 -8.11 36.77
N GLY D 136 0.66 -7.35 37.63
CA GLY D 136 0.81 -7.61 39.05
C GLY D 136 -0.13 -6.78 39.90
N ASP D 137 0.16 -6.74 41.19
CA ASP D 137 -0.72 -6.10 42.16
C ASP D 137 0.05 -5.01 42.87
N ALA D 138 -0.46 -3.77 42.80
CA ALA D 138 0.19 -2.63 43.42
C ALA D 138 -0.08 -2.63 44.92
N VAL D 139 0.98 -2.62 45.72
CA VAL D 139 0.88 -2.73 47.17
C VAL D 139 1.58 -1.53 47.80
N LEU D 140 0.94 -0.96 48.83
CA LEU D 140 1.57 0.09 49.61
C LEU D 140 2.83 -0.43 50.30
N VAL D 141 3.89 0.35 50.24
CA VAL D 141 5.16 -0.02 50.87
C VAL D 141 5.07 0.23 52.37
N SER D 142 5.50 -0.75 53.16
CA SER D 142 5.45 -0.64 54.61
C SER D 142 6.50 0.36 55.11
N GLU D 143 6.36 0.73 56.39
CA GLU D 143 7.31 1.67 56.99
C GLU D 143 8.70 1.06 57.11
N LYS D 144 8.77 -0.25 57.37
CA LYS D 144 10.06 -0.92 57.46
C LYS D 144 10.82 -0.83 56.14
N ASP D 145 10.11 -0.86 55.02
CA ASP D 145 10.73 -0.88 53.69
C ASP D 145 10.87 0.50 53.06
N GLN D 146 10.36 1.56 53.69
CA GLN D 146 10.35 2.88 53.07
C GLN D 146 11.74 3.32 52.63
N ALA D 147 12.73 3.17 53.52
CA ALA D 147 14.05 3.73 53.25
C ALA D 147 14.73 3.04 52.06
N ALA D 148 14.68 1.70 52.03
CA ALA D 148 15.28 0.98 50.92
C ALA D 148 14.55 1.24 49.61
N VAL D 149 13.22 1.34 49.68
CA VAL D 149 12.43 1.61 48.48
C VAL D 149 12.70 3.02 47.98
N ARG D 150 12.74 4.00 48.90
CA ARG D 150 13.04 5.37 48.52
C ARG D 150 14.40 5.48 47.83
N SER D 151 15.38 4.75 48.34
CA SER D 151 16.71 4.80 47.76
C SER D 151 16.76 4.14 46.40
N ALA D 152 16.06 3.02 46.23
CA ALA D 152 15.98 2.39 44.91
C ALA D 152 15.32 3.31 43.90
N TYR D 153 14.29 4.05 44.31
CA TYR D 153 13.60 4.94 43.40
C TYR D 153 14.47 6.13 43.02
N LEU D 154 15.15 6.73 44.00
CA LEU D 154 15.97 7.89 43.69
C LEU D 154 17.22 7.50 42.91
N ALA D 155 17.67 6.24 42.98
CA ALA D 155 18.77 5.82 42.13
C ALA D 155 18.44 5.97 40.64
N LYS D 156 17.17 5.77 40.27
CA LYS D 156 16.76 5.95 38.89
C LYS D 156 16.19 7.34 38.61
N HIS D 157 15.72 8.05 39.63
CA HIS D 157 15.18 9.40 39.50
C HIS D 157 15.83 10.27 40.57
N PRO D 158 17.08 10.66 40.38
CA PRO D 158 17.83 11.30 41.47
C PRO D 158 17.29 12.65 41.90
N LYS D 159 16.55 13.36 41.05
CA LYS D 159 16.04 14.68 41.41
C LYS D 159 14.57 14.68 41.81
N ALA D 160 13.98 13.51 42.03
CA ALA D 160 12.56 13.38 42.36
C ALA D 160 12.31 13.59 43.85
N PHE D 161 12.65 14.78 44.33
CA PHE D 161 12.52 14.99 45.77
C PHE D 161 11.09 15.27 46.21
N TRP D 162 10.14 15.38 45.28
CA TRP D 162 8.74 15.42 45.67
C TRP D 162 8.28 14.13 46.35
N VAL D 163 9.06 13.04 46.27
CA VAL D 163 8.66 11.78 46.89
C VAL D 163 8.51 11.92 48.40
N ASP D 164 9.09 12.96 48.99
CA ASP D 164 9.00 13.19 50.42
C ASP D 164 7.76 13.98 50.81
N PHE D 165 7.09 14.62 49.85
CA PHE D 165 5.89 15.40 50.13
C PHE D 165 4.78 14.48 50.62
N GLY D 166 3.81 15.08 51.33
CA GLY D 166 2.71 14.31 51.88
C GLY D 166 1.77 13.76 50.83
N ASP D 167 1.68 14.43 49.67
CA ASP D 167 0.79 13.94 48.61
C ASP D 167 1.29 12.65 47.96
N PHE D 168 2.55 12.28 48.18
CA PHE D 168 3.17 11.14 47.49
C PHE D 168 3.39 9.98 48.44
N SER D 169 3.16 8.77 47.94
CA SER D 169 3.47 7.54 48.65
C SER D 169 4.11 6.56 47.68
N PHE D 170 4.93 5.66 48.21
CA PHE D 170 5.54 4.61 47.41
C PHE D 170 4.64 3.40 47.33
N MET D 171 4.45 2.89 46.12
CA MET D 171 3.79 1.61 45.94
C MET D 171 4.68 0.70 45.11
N ARG D 172 4.53 -0.60 45.32
CA ARG D 172 5.30 -1.61 44.65
C ARG D 172 4.36 -2.54 43.89
N ILE D 173 4.63 -2.74 42.61
CA ILE D 173 3.88 -3.70 41.81
C ILE D 173 4.53 -5.06 42.02
N GLU D 174 3.89 -5.90 42.80
CA GLU D 174 4.34 -7.27 42.99
C GLU D 174 3.96 -8.09 41.75
N PRO D 175 4.92 -8.62 41.01
CA PRO D 175 4.60 -9.23 39.71
C PRO D 175 3.83 -10.54 39.87
N LYS D 176 2.86 -10.74 38.98
CA LYS D 176 2.21 -12.03 38.84
C LYS D 176 2.75 -12.79 37.64
N VAL D 177 2.91 -12.11 36.50
CA VAL D 177 3.42 -12.72 35.28
C VAL D 177 4.05 -11.62 34.44
N VAL D 178 5.18 -11.94 33.82
CA VAL D 178 5.91 -11.01 32.96
C VAL D 178 5.91 -11.57 31.54
N ARG D 179 5.30 -10.84 30.61
CA ARG D 179 5.23 -11.27 29.22
C ARG D 179 6.04 -10.32 28.35
N TYR D 180 6.63 -10.86 27.29
CA TYR D 180 7.36 -10.03 26.35
C TYR D 180 6.99 -10.42 24.92
N VAL D 181 7.20 -9.47 24.02
CA VAL D 181 7.09 -9.70 22.59
C VAL D 181 8.21 -8.91 21.93
N SER D 182 8.72 -9.44 20.82
CA SER D 182 9.86 -8.84 20.15
C SER D 182 9.73 -9.03 18.65
N GLY D 183 10.13 -8.00 17.90
CA GLY D 183 10.13 -8.05 16.45
C GLY D 183 8.76 -8.24 15.83
N VAL D 184 7.82 -7.35 16.17
CA VAL D 184 6.54 -7.32 15.47
C VAL D 184 6.77 -6.84 14.04
N ALA D 185 6.10 -7.48 13.08
CA ALA D 185 6.30 -7.21 11.65
C ALA D 185 7.76 -7.38 11.25
N THR D 186 8.40 -8.45 11.75
CA THR D 186 9.78 -8.75 11.43
C THR D 186 9.92 -10.26 11.23
N ALA D 187 11.08 -10.66 10.71
CA ALA D 187 11.35 -12.09 10.54
C ALA D 187 11.62 -12.77 11.87
N PHE D 188 12.13 -12.03 12.85
CA PHE D 188 12.55 -12.59 14.14
C PHE D 188 11.50 -12.30 15.22
N LEU D 189 10.28 -12.77 15.00
CA LEU D 189 9.22 -12.57 15.98
C LEU D 189 9.37 -13.56 17.13
N GLY D 190 9.42 -13.03 18.35
CA GLY D 190 9.52 -13.87 19.53
C GLY D 190 8.62 -13.36 20.64
N SER D 191 8.14 -14.30 21.45
CA SER D 191 7.27 -13.98 22.57
C SER D 191 7.49 -15.03 23.65
N GLY D 192 7.01 -14.72 24.85
CA GLY D 192 7.14 -15.64 25.97
C GLY D 192 6.61 -15.00 27.24
N GLU D 193 6.62 -15.78 28.31
CA GLU D 193 6.17 -15.27 29.60
C GLU D 193 6.94 -15.96 30.71
N PHE D 194 7.01 -15.29 31.87
CA PHE D 194 7.73 -15.80 33.03
C PHE D 194 6.86 -15.65 34.26
N SER D 195 6.88 -16.67 35.11
CA SER D 195 6.22 -16.54 36.40
C SER D 195 6.98 -15.54 37.26
N LYS D 196 6.33 -15.14 38.36
CA LYS D 196 7.00 -14.29 39.34
C LYS D 196 8.29 -14.94 39.84
N GLU D 197 8.25 -16.26 40.11
CA GLU D 197 9.42 -16.94 40.64
C GLU D 197 10.54 -16.99 39.62
N GLU D 198 10.21 -17.29 38.36
CA GLU D 198 11.23 -17.33 37.32
C GLU D 198 11.84 -15.95 37.11
N TYR D 199 11.01 -14.90 37.12
CA TYR D 199 11.49 -13.55 36.91
C TYR D 199 12.39 -13.09 38.05
N GLN D 200 11.96 -13.29 39.29
CA GLN D 200 12.73 -12.80 40.44
C GLN D 200 14.05 -13.55 40.60
N ALA D 201 14.08 -14.83 40.23
CA ALA D 201 15.30 -15.61 40.40
C ALA D 201 16.37 -15.21 39.39
N ALA D 202 15.97 -14.70 38.24
CA ALA D 202 16.94 -14.26 37.24
C ALA D 202 17.74 -13.07 37.76
N LYS D 203 19.00 -13.00 37.35
CA LYS D 203 19.90 -11.93 37.75
C LYS D 203 19.95 -10.83 36.70
N VAL D 204 20.09 -9.61 37.17
CA VAL D 204 20.35 -8.47 36.28
C VAL D 204 21.79 -8.56 35.79
N ASP D 205 21.98 -8.48 34.48
CA ASP D 205 23.33 -8.56 33.93
C ASP D 205 24.19 -7.42 34.48
N PRO D 206 25.34 -7.72 35.08
CA PRO D 206 26.13 -6.67 35.75
C PRO D 206 26.88 -5.75 34.81
N ILE D 207 26.91 -6.02 33.51
CA ILE D 207 27.61 -5.15 32.57
C ILE D 207 26.66 -4.15 31.89
N ALA D 208 25.36 -4.41 31.89
CA ALA D 208 24.42 -3.53 31.20
C ALA D 208 24.45 -2.11 31.76
N GLN D 209 24.80 -1.95 33.04
CA GLN D 209 24.84 -0.62 33.65
C GLN D 209 25.80 0.31 32.93
N TYR D 210 26.81 -0.23 32.25
CA TYR D 210 27.78 0.57 31.52
C TYR D 210 27.38 0.83 30.07
N ALA D 211 26.12 0.56 29.70
CA ALA D 211 25.73 0.64 28.30
C ALA D 211 25.80 2.07 27.78
N LYS D 212 25.34 3.05 28.55
CA LYS D 212 25.30 4.42 28.05
C LYS D 212 26.70 4.97 27.77
N PRO D 213 27.66 4.94 28.69
CA PRO D 213 29.00 5.46 28.35
C PRO D 213 29.67 4.71 27.22
N VAL D 214 29.59 3.37 27.19
CA VAL D 214 30.26 2.61 26.15
C VAL D 214 29.65 2.90 24.79
N THR D 215 28.31 2.90 24.70
CA THR D 215 27.68 3.16 23.42
C THR D 215 27.88 4.59 22.95
N SER D 216 28.03 5.54 23.89
CA SER D 216 28.30 6.92 23.49
C SER D 216 29.70 7.05 22.90
N HIS D 217 30.71 6.56 23.62
CA HIS D 217 32.09 6.64 23.16
C HIS D 217 32.28 5.99 21.80
N MET D 218 31.53 4.92 21.52
CA MET D 218 31.69 4.22 20.25
C MET D 218 30.91 4.89 19.12
N ASN D 219 29.66 5.27 19.38
CA ASN D 219 28.82 5.81 18.30
C ASN D 219 29.27 7.20 17.87
N LYS D 220 29.83 7.99 18.80
CA LYS D 220 30.23 9.35 18.45
C LYS D 220 31.62 9.39 17.82
N ASP D 221 32.59 8.70 18.44
CA ASP D 221 33.99 8.83 18.06
C ASP D 221 34.55 7.66 17.27
N HIS D 222 33.98 6.46 17.41
CA HIS D 222 34.62 5.26 16.86
C HIS D 222 33.63 4.41 16.08
N GLU D 223 32.73 5.03 15.31
CA GLU D 223 31.78 4.24 14.56
C GLU D 223 32.45 3.42 13.46
N GLU D 224 33.64 3.82 13.02
CA GLU D 224 34.39 3.00 12.05
C GLU D 224 34.84 1.68 12.69
N ASP D 225 35.22 1.72 13.96
CA ASP D 225 35.61 0.50 14.66
C ASP D 225 34.45 -0.49 14.73
N THR D 226 33.25 0.03 15.06
CA THR D 226 32.08 -0.85 15.16
C THR D 226 31.74 -1.47 13.82
N LYS D 227 31.88 -0.71 12.73
CA LYS D 227 31.57 -1.24 11.41
C LYS D 227 32.51 -2.38 11.03
N ALA D 228 33.79 -2.26 11.38
CA ALA D 228 34.75 -3.33 11.06
C ALA D 228 34.43 -4.60 11.82
N ILE D 229 34.14 -4.48 13.11
CA ILE D 229 33.83 -5.65 13.94
C ILE D 229 32.60 -6.37 13.38
N VAL D 230 31.55 -5.62 13.08
CA VAL D 230 30.32 -6.22 12.56
C VAL D 230 30.59 -6.91 11.23
N HIS D 231 31.35 -6.25 10.35
CA HIS D 231 31.71 -6.85 9.07
C HIS D 231 32.56 -8.09 9.28
N ASN D 232 33.50 -8.04 10.23
CA ASN D 232 34.40 -9.17 10.48
C ASN D 232 33.66 -10.37 11.04
N ILE D 233 32.68 -10.16 11.91
CA ILE D 233 32.02 -11.26 12.61
C ILE D 233 30.84 -11.81 11.82
N THR D 234 30.02 -10.94 11.24
CA THR D 234 28.81 -11.37 10.56
C THR D 234 29.00 -11.59 9.06
N SER D 235 30.13 -11.15 8.51
CA SER D 235 30.39 -11.19 7.07
C SER D 235 29.39 -10.33 6.30
N ILE D 236 28.93 -9.24 6.90
CA ILE D 236 28.01 -8.31 6.29
C ILE D 236 28.73 -6.97 6.11
N PRO D 237 28.91 -6.49 4.87
CA PRO D 237 29.57 -5.20 4.68
C PRO D 237 28.67 -4.03 5.06
N VAL D 238 28.48 -3.81 6.36
CA VAL D 238 27.53 -2.80 6.82
C VAL D 238 28.06 -1.41 6.51
N GLU D 239 27.15 -0.52 6.09
CA GLU D 239 27.53 0.86 5.82
C GLU D 239 27.66 1.65 7.10
N SER D 240 26.84 1.34 8.09
CA SER D 240 26.86 2.01 9.39
C SER D 240 26.50 0.99 10.45
N ALA D 241 27.07 1.16 11.64
CA ALA D 241 26.81 0.26 12.76
C ALA D 241 26.65 1.12 14.01
N LEU D 242 25.42 1.21 14.51
CA LEU D 242 25.10 2.02 15.68
C LEU D 242 24.86 1.10 16.86
N MET D 243 25.67 1.25 17.91
CA MET D 243 25.52 0.42 19.11
C MET D 243 24.25 0.79 19.85
N LEU D 244 23.38 -0.19 20.08
CA LEU D 244 22.11 0.04 20.76
C LEU D 244 22.24 -0.17 22.27
N ASP D 245 22.62 -1.37 22.69
CA ASP D 245 22.69 -1.73 24.10
C ASP D 245 23.99 -2.50 24.35
N LEU D 246 24.10 -3.07 25.56
CA LEU D 246 25.32 -3.74 25.97
C LEU D 246 25.00 -4.69 27.12
N ASP D 247 25.63 -5.88 27.10
CA ASP D 247 25.58 -6.80 28.21
C ASP D 247 26.92 -7.54 28.29
N SER D 248 27.03 -8.44 29.27
CA SER D 248 28.31 -9.10 29.53
C SER D 248 28.73 -10.03 28.40
N LEU D 249 27.82 -10.40 27.51
CA LEU D 249 28.11 -11.32 26.42
C LEU D 249 28.28 -10.63 25.07
N GLY D 250 28.06 -9.33 24.99
CA GLY D 250 28.22 -8.61 23.74
C GLY D 250 27.28 -7.43 23.67
N PHE D 251 27.05 -6.96 22.45
CA PHE D 251 26.18 -5.82 22.22
C PHE D 251 25.42 -6.01 20.92
N ASN D 252 24.34 -5.26 20.79
CA ASN D 252 23.53 -5.22 19.58
C ASN D 252 23.79 -3.92 18.83
N VAL D 253 23.63 -3.97 17.52
CA VAL D 253 23.82 -2.79 16.68
C VAL D 253 22.63 -2.64 15.75
N LYS D 254 22.34 -1.39 15.41
CA LYS D 254 21.45 -1.06 14.30
C LYS D 254 22.34 -0.81 13.08
N ALA D 255 22.18 -1.63 12.06
CA ALA D 255 23.03 -1.58 10.89
C ALA D 255 22.21 -1.33 9.63
N THR D 256 22.88 -0.80 8.61
CA THR D 256 22.24 -0.45 7.35
C THR D 256 23.06 -1.03 6.21
N LEU D 257 22.35 -1.66 5.26
CA LEU D 257 22.96 -2.18 4.04
C LEU D 257 22.02 -1.85 2.90
N GLN D 258 22.50 -1.04 1.95
CA GLN D 258 21.69 -0.46 0.88
C GLN D 258 20.59 0.35 1.56
N GLY D 259 19.32 0.10 1.30
CA GLY D 259 18.23 0.81 1.96
C GLY D 259 17.57 0.04 3.08
N ASN D 260 18.17 -1.05 3.55
CA ASN D 260 17.59 -1.88 4.59
C ASN D 260 18.19 -1.53 5.94
N THR D 261 17.35 -1.59 6.98
CA THR D 261 17.78 -1.40 8.36
C THR D 261 17.42 -2.64 9.15
N PHE D 262 18.36 -3.13 9.95
CA PHE D 262 18.18 -4.36 10.70
C PHE D 262 19.10 -4.34 11.91
N LYS D 263 18.79 -5.20 12.87
CA LYS D 263 19.57 -5.29 14.09
C LYS D 263 20.48 -6.51 14.02
N LEU D 264 21.71 -6.37 14.52
CA LEU D 264 22.69 -7.45 14.53
C LEU D 264 23.28 -7.59 15.92
N ARG D 265 23.40 -8.83 16.36
CA ARG D 265 24.01 -9.16 17.64
C ARG D 265 25.51 -9.35 17.48
N VAL D 266 26.30 -8.65 18.29
CA VAL D 266 27.75 -8.76 18.25
C VAL D 266 28.24 -9.38 19.55
N PRO D 267 28.45 -10.69 19.61
CA PRO D 267 28.92 -11.30 20.87
C PRO D 267 30.42 -11.12 21.05
N PHE D 268 30.81 -10.91 22.32
CA PHE D 268 32.23 -10.89 22.65
C PHE D 268 32.82 -12.29 22.50
N PRO D 269 34.14 -12.39 22.31
CA PRO D 269 34.77 -13.73 22.32
C PRO D 269 34.70 -14.43 23.68
N ARG D 270 34.40 -13.70 24.74
CA ARG D 270 34.17 -14.27 26.07
C ARG D 270 33.39 -13.26 26.89
N ARG D 271 32.91 -13.70 28.04
CA ARG D 271 32.10 -12.84 28.90
C ARG D 271 32.94 -11.70 29.47
N ALA D 272 32.42 -10.48 29.39
CA ALA D 272 33.10 -9.33 29.98
C ALA D 272 32.92 -9.33 31.49
N GLN D 273 34.00 -8.99 32.19
CA GLN D 273 34.02 -9.08 33.65
C GLN D 273 33.69 -7.77 34.34
N ASP D 274 34.00 -6.63 33.72
CA ASP D 274 33.78 -5.33 34.34
C ASP D 274 33.83 -4.27 33.25
N ARG D 275 33.75 -3.00 33.67
CA ARG D 275 33.75 -1.88 32.74
C ARG D 275 34.98 -1.88 31.85
N LYS D 276 36.17 -2.00 32.45
CA LYS D 276 37.41 -1.97 31.67
C LYS D 276 37.50 -3.15 30.71
N ASP D 277 37.05 -4.34 31.15
CA ASP D 277 37.12 -5.52 30.30
C ASP D 277 36.31 -5.33 29.02
N VAL D 278 35.24 -4.54 29.07
CA VAL D 278 34.48 -4.25 27.85
C VAL D 278 35.36 -3.53 26.84
N LYS D 279 36.16 -2.56 27.31
CA LYS D 279 37.10 -1.88 26.41
C LYS D 279 38.15 -2.85 25.89
N THR D 280 38.70 -3.68 26.77
CA THR D 280 39.68 -4.68 26.35
C THR D 280 39.12 -5.57 25.24
N LEU D 281 37.87 -6.02 25.40
CA LEU D 281 37.30 -6.93 24.42
C LEU D 281 37.01 -6.25 23.10
N ILE D 282 36.57 -4.98 23.13
CA ILE D 282 36.29 -4.27 21.88
C ILE D 282 37.58 -4.05 21.10
N VAL D 283 38.64 -3.62 21.77
CA VAL D 283 39.93 -3.46 21.09
C VAL D 283 40.40 -4.80 20.53
N GLU D 284 40.23 -5.88 21.30
CA GLU D 284 40.60 -7.20 20.82
C GLU D 284 39.82 -7.59 19.57
N MET D 285 38.52 -7.27 19.53
CA MET D 285 37.72 -7.59 18.36
C MET D 285 38.08 -6.71 17.18
N LEU D 286 38.45 -5.44 17.43
CA LEU D 286 38.87 -4.57 16.34
C LEU D 286 40.21 -5.01 15.79
N GLN D 287 41.16 -5.32 16.68
CA GLN D 287 42.48 -5.80 16.25
C GLN D 287 42.35 -7.06 15.39
N ALA D 288 41.45 -7.96 15.78
CA ALA D 288 41.22 -9.16 14.98
C ALA D 288 40.63 -8.84 13.61
N ALA D 289 39.93 -7.71 13.50
CA ALA D 289 39.32 -7.34 12.22
C ALA D 289 40.35 -6.72 11.27
N LYS D 290 41.30 -5.97 11.81
CA LYS D 290 42.29 -5.25 10.99
C LYS D 290 43.40 -6.17 10.49
N SER D 291 43.10 -7.46 10.33
CA SER D 291 44.09 -8.43 9.89
C SER D 291 43.42 -9.68 9.34
#